data_1U2X
#
_entry.id   1U2X
#
_cell.length_a   68.065
_cell.length_b   99.932
_cell.length_c   82.581
_cell.angle_alpha   90.00
_cell.angle_beta   110.38
_cell.angle_gamma   90.00
#
_symmetry.space_group_name_H-M   'P 1 21 1'
#
loop_
_entity.id
_entity.type
_entity.pdbx_description
1 polymer 'ADP-specific phosphofructokinase'
2 non-polymer 'SULFATE ION'
3 water water
#
_entity_poly.entity_id   1
_entity_poly.type   'polypeptide(L)'
_entity_poly.pdbx_seq_one_letter_code
;(MSE)GSSHHHHHHSSGRENLYFQGH(MSE)IPEHLSIYTAYNANIDAIVKLNQETIQNLINAFDPDEVKRRIEEYPREI
NEPIDFVARLVHTLKLGKPAAVPLVNEK(MSE)NEWFDKTFRYEEERLGGQAGIIANTLAGLKIRKVIAYTPFLPKRLAE
LFKKGVLYPVVENGELQFKPIQEAYREGDPLKINRIFEFRKGLKFKLGDETIEIPNSGRFIVSARFESISRIETREDIKP
FLGEIGKEVDGAIFSGYQGLRTKYSDGKDANYYLRRAKEDIIEFKEKDVKIHVEFASVQDRKLRKKIITNILPFVDSVGI
DEAEIAQILSVLGYRELADRIFTYNRLEDSILGG(MSE)IILDELNFEILQVHTTYYL(MSE)YITHRDNPLSEEELAKS
LEFGTTLAAARASLGDIRGPDDYKVGLKVPFNERSEYVKLRFEEAKSRLR(MSE)REYKVVVIPTRLVQNPVLTVGLGDT
ISAGAFLTYLEFLKRHGS
;
_entity_poly.pdbx_strand_id   A,B
#
# COMPACT_ATOMS: atom_id res chain seq x y z
N ILE A 24 16.70 -9.02 -9.23
CA ILE A 24 16.83 -9.77 -7.96
C ILE A 24 17.98 -10.74 -8.10
N PRO A 25 18.90 -10.67 -7.17
CA PRO A 25 19.99 -11.62 -7.19
C PRO A 25 19.59 -12.97 -6.64
N GLU A 26 18.88 -13.70 -7.50
CA GLU A 26 18.22 -14.94 -7.13
C GLU A 26 19.19 -16.10 -6.86
N HIS A 27 20.42 -15.98 -7.36
CA HIS A 27 21.45 -17.05 -7.15
C HIS A 27 22.10 -17.08 -5.74
N LEU A 28 21.81 -16.09 -4.88
CA LEU A 28 22.45 -15.99 -3.51
C LEU A 28 21.69 -16.79 -2.48
N SER A 29 22.41 -17.26 -1.47
CA SER A 29 21.83 -18.08 -0.38
C SER A 29 22.19 -17.43 0.94
N ILE A 30 21.25 -17.27 1.84
CA ILE A 30 21.41 -16.47 3.04
C ILE A 30 20.92 -17.29 4.25
N TYR A 31 21.62 -17.24 5.37
CA TYR A 31 21.22 -17.84 6.65
C TYR A 31 20.84 -16.63 7.56
N THR A 32 19.75 -16.72 8.34
CA THR A 32 19.38 -15.66 9.29
C THR A 32 19.19 -16.30 10.63
N ALA A 33 19.61 -15.63 11.70
CA ALA A 33 19.31 -16.06 13.07
C ALA A 33 19.37 -14.76 13.88
N TYR A 34 18.82 -14.70 15.10
CA TYR A 34 18.36 -15.79 15.95
C TYR A 34 16.91 -15.59 16.46
N ASN A 35 16.34 -14.42 16.20
CA ASN A 35 15.10 -14.02 16.78
C ASN A 35 13.92 -14.18 15.80
N ALA A 36 13.00 -15.05 16.21
CA ALA A 36 11.72 -15.27 15.62
C ALA A 36 10.69 -15.58 16.76
N ASN A 37 9.50 -15.04 16.59
CA ASN A 37 8.48 -15.08 17.59
C ASN A 37 7.13 -14.84 16.92
N ILE A 38 6.08 -15.07 17.69
CA ILE A 38 4.72 -14.85 17.22
C ILE A 38 4.29 -13.50 17.69
N ASP A 39 3.70 -12.70 16.83
CA ASP A 39 3.05 -11.46 17.26
C ASP A 39 1.54 -11.70 17.05
N ALA A 40 0.78 -11.56 18.12
CA ALA A 40 -0.63 -11.93 18.11
C ALA A 40 -1.48 -10.70 18.53
N ILE A 41 -2.54 -10.51 17.76
CA ILE A 41 -3.37 -9.34 17.90
C ILE A 41 -4.74 -9.76 18.38
N VAL A 42 -5.18 -9.05 19.41
CA VAL A 42 -6.54 -9.18 20.00
C VAL A 42 -7.33 -7.86 19.86
N LYS A 43 -8.57 -7.96 19.34
CA LYS A 43 -9.50 -6.79 19.32
C LYS A 43 -10.33 -6.78 20.59
N LEU A 44 -10.06 -5.79 21.44
CA LEU A 44 -10.89 -5.45 22.60
C LEU A 44 -12.22 -4.76 22.26
N ASN A 45 -13.21 -5.53 21.87
CA ASN A 45 -14.58 -5.02 21.84
C ASN A 45 -15.21 -5.11 23.25
N GLN A 46 -16.51 -4.79 23.35
CA GLN A 46 -17.23 -4.73 24.62
C GLN A 46 -17.35 -6.09 25.31
N GLU A 47 -17.74 -7.11 24.57
CA GLU A 47 -17.97 -8.39 25.18
C GLU A 47 -16.65 -8.88 25.79
N THR A 48 -15.59 -8.82 24.99
CA THR A 48 -14.23 -9.23 25.38
C THR A 48 -13.69 -8.47 26.63
N ILE A 49 -13.78 -7.15 26.66
CA ILE A 49 -13.25 -6.42 27.82
C ILE A 49 -14.12 -6.67 29.09
N GLN A 50 -15.44 -6.67 28.95
CA GLN A 50 -16.33 -6.87 30.10
C GLN A 50 -16.19 -8.27 30.68
N ASN A 51 -16.12 -9.27 29.83
CA ASN A 51 -15.95 -10.63 30.27
C ASN A 51 -14.66 -10.76 31.04
N LEU A 52 -13.60 -10.09 30.57
CA LEU A 52 -12.32 -10.10 31.29
C LEU A 52 -12.46 -9.41 32.67
N ILE A 53 -13.07 -8.24 32.70
CA ILE A 53 -13.10 -7.51 33.97
C ILE A 53 -13.94 -8.30 35.02
N ASN A 54 -15.00 -8.91 34.51
CA ASN A 54 -16.01 -9.62 35.29
C ASN A 54 -15.35 -10.70 36.12
N ALA A 55 -14.23 -11.20 35.63
CA ALA A 55 -13.59 -12.30 36.32
C ALA A 55 -13.00 -11.86 37.62
N PHE A 56 -12.71 -10.56 37.76
CA PHE A 56 -12.02 -10.07 38.91
C PHE A 56 -12.90 -9.30 39.89
N ASP A 57 -12.47 -9.27 41.13
CA ASP A 57 -13.02 -8.35 42.13
C ASP A 57 -12.67 -6.88 41.80
N PRO A 58 -13.68 -6.05 41.54
CA PRO A 58 -13.49 -4.63 41.23
C PRO A 58 -12.56 -3.80 42.11
N ASP A 59 -12.71 -3.85 43.43
CA ASP A 59 -11.78 -3.15 44.33
C ASP A 59 -10.37 -3.81 44.38
N GLU A 60 -10.30 -5.11 44.15
CA GLU A 60 -9.02 -5.78 43.93
C GLU A 60 -8.30 -5.18 42.68
N VAL A 61 -9.04 -4.98 41.61
CA VAL A 61 -8.52 -4.35 40.41
C VAL A 61 -8.02 -2.87 40.65
N LYS A 62 -8.92 -2.04 41.22
CA LYS A 62 -8.64 -0.67 41.66
C LYS A 62 -7.40 -0.57 42.54
N ARG A 63 -7.29 -1.45 43.53
CA ARG A 63 -6.13 -1.44 44.40
C ARG A 63 -4.86 -1.67 43.56
N ARG A 64 -4.93 -2.61 42.62
CA ARG A 64 -3.77 -2.97 41.83
C ARG A 64 -3.39 -1.86 40.85
N ILE A 65 -4.35 -1.07 40.42
CA ILE A 65 -4.00 0.05 39.52
C ILE A 65 -3.14 1.11 40.22
N GLU A 66 -3.55 1.46 41.44
CA GLU A 66 -2.91 2.56 42.14
C GLU A 66 -1.51 2.07 42.51
N GLU A 67 -1.38 0.80 42.93
CA GLU A 67 -0.04 0.29 43.17
C GLU A 67 0.85 0.08 41.91
N TYR A 68 0.29 0.15 40.69
CA TYR A 68 1.01 0.30 39.41
C TYR A 68 2.09 -0.74 38.99
N PRO A 69 1.68 -1.92 38.53
CA PRO A 69 2.63 -3.00 38.21
C PRO A 69 3.37 -2.69 36.91
N ARG A 70 4.68 -2.85 36.92
CA ARG A 70 5.52 -2.38 35.82
C ARG A 70 5.95 -3.58 34.98
N GLU A 71 5.58 -4.78 35.43
CA GLU A 71 5.67 -6.02 34.67
C GLU A 71 4.46 -6.92 34.99
N ILE A 72 4.15 -7.85 34.09
CA ILE A 72 3.03 -8.79 34.26
C ILE A 72 3.52 -10.17 34.79
N ASN A 73 3.25 -10.44 36.07
CA ASN A 73 3.54 -11.73 36.71
C ASN A 73 2.27 -12.57 36.80
N GLU A 74 1.14 -11.89 37.05
CA GLU A 74 -0.19 -12.55 37.30
C GLU A 74 -1.30 -11.87 36.50
N PRO A 75 -2.42 -12.53 36.31
CA PRO A 75 -3.52 -11.98 35.54
C PRO A 75 -4.02 -10.65 36.03
N ILE A 76 -3.95 -10.44 37.33
CA ILE A 76 -4.50 -9.17 37.86
C ILE A 76 -3.56 -8.00 37.45
N ASP A 77 -2.24 -8.25 37.40
CA ASP A 77 -1.34 -7.22 36.80
C ASP A 77 -1.77 -6.77 35.42
N PHE A 78 -2.09 -7.74 34.59
CA PHE A 78 -2.55 -7.47 33.22
C PHE A 78 -3.84 -6.64 33.12
N VAL A 79 -4.91 -7.07 33.81
CA VAL A 79 -6.15 -6.31 33.73
C VAL A 79 -5.94 -4.89 34.29
N ALA A 80 -5.25 -4.77 35.41
CA ALA A 80 -4.94 -3.49 36.03
C ALA A 80 -4.24 -2.57 35.08
N ARG A 81 -3.10 -2.99 34.56
CA ARG A 81 -2.39 -2.16 33.59
C ARG A 81 -3.20 -1.84 32.35
N LEU A 82 -3.93 -2.82 31.82
CA LEU A 82 -4.77 -2.60 30.68
C LEU A 82 -5.85 -1.54 30.94
N VAL A 83 -6.64 -1.71 32.00
CA VAL A 83 -7.81 -0.84 32.18
C VAL A 83 -7.37 0.60 32.53
N HIS A 84 -6.32 0.74 33.30
CA HIS A 84 -5.62 2.04 33.44
C HIS A 84 -5.25 2.64 32.08
N THR A 85 -4.67 1.86 31.20
CA THR A 85 -4.43 2.29 29.82
C THR A 85 -5.69 2.59 28.98
N LEU A 86 -6.79 1.88 29.25
CA LEU A 86 -7.97 1.97 28.40
C LEU A 86 -8.70 3.30 28.65
N LYS A 87 -8.70 3.72 29.92
CA LYS A 87 -9.45 4.88 30.41
C LYS A 87 -8.73 6.20 30.13
N LEU A 88 -7.40 6.18 30.29
CA LEU A 88 -6.50 7.24 29.81
C LEU A 88 -6.56 7.31 28.26
N GLY A 89 -6.67 6.17 27.60
CA GLY A 89 -6.77 6.09 26.15
C GLY A 89 -5.43 6.25 25.46
N LYS A 90 -4.36 5.97 26.22
CA LYS A 90 -2.97 6.17 25.78
C LYS A 90 -2.24 4.80 25.67
N PRO A 91 -1.61 4.54 24.53
CA PRO A 91 -0.89 3.29 24.36
C PRO A 91 0.16 3.05 25.43
N ALA A 92 0.49 1.76 25.54
CA ALA A 92 1.43 1.24 26.52
C ALA A 92 1.95 -0.10 26.01
N ALA A 93 3.19 -0.38 26.45
CA ALA A 93 3.86 -1.68 26.31
C ALA A 93 4.25 -2.11 27.72
N VAL A 94 3.98 -3.37 28.07
CA VAL A 94 4.29 -3.94 29.41
C VAL A 94 4.87 -5.38 29.25
N PRO A 95 6.03 -5.64 29.83
CA PRO A 95 6.65 -6.98 29.76
C PRO A 95 5.88 -8.07 30.50
N LEU A 96 5.85 -9.22 29.85
CA LEU A 96 5.39 -10.43 30.42
C LEU A 96 6.61 -11.14 30.92
N VAL A 97 6.67 -11.48 32.21
CA VAL A 97 7.93 -12.02 32.78
C VAL A 97 7.67 -13.35 33.42
N ASN A 98 6.54 -13.93 33.09
CA ASN A 98 6.20 -15.22 33.61
C ASN A 98 5.66 -16.11 32.50
N GLU A 99 6.47 -17.07 32.05
CA GLU A 99 6.09 -18.04 30.99
C GLU A 99 4.71 -18.70 31.11
N LYS A 100 4.34 -19.03 32.34
CA LYS A 100 3.10 -19.76 32.60
C LYS A 100 1.83 -18.97 32.16
N ASN A 102 1.41 -17.70 29.28
CA ASN A 102 1.06 -17.99 27.89
C ASN A 102 -0.27 -18.69 27.81
N GLU A 103 -0.42 -19.75 28.62
CA GLU A 103 -1.66 -20.55 28.59
C GLU A 103 -2.86 -19.74 29.07
N TRP A 104 -2.67 -18.85 30.03
CA TRP A 104 -3.78 -18.02 30.49
C TRP A 104 -4.30 -17.13 29.35
N PHE A 105 -3.38 -16.39 28.75
CA PHE A 105 -3.75 -15.57 27.60
C PHE A 105 -4.47 -16.36 26.57
N ASP A 106 -3.86 -17.45 26.14
CA ASP A 106 -4.40 -18.29 25.08
C ASP A 106 -5.79 -18.88 25.43
N LYS A 107 -5.98 -19.27 26.70
CA LYS A 107 -7.33 -19.75 27.08
C LYS A 107 -8.34 -18.62 27.24
N THR A 108 -7.91 -17.43 27.67
CA THR A 108 -8.86 -16.30 27.87
C THR A 108 -9.33 -15.61 26.55
N PHE A 109 -8.37 -15.36 25.62
CA PHE A 109 -8.63 -14.65 24.36
C PHE A 109 -8.52 -15.49 23.05
N ARG A 110 -9.21 -14.96 22.06
CA ARG A 110 -9.13 -15.34 20.65
C ARG A 110 -8.32 -14.26 19.96
N TYR A 111 -7.54 -14.68 18.97
CA TYR A 111 -6.63 -13.81 18.28
C TYR A 111 -7.25 -13.46 16.93
N GLU A 112 -7.35 -12.18 16.59
CA GLU A 112 -7.65 -11.73 15.22
C GLU A 112 -6.67 -12.32 14.16
N GLU A 113 -5.39 -12.29 14.53
CA GLU A 113 -4.27 -12.67 13.67
C GLU A 113 -3.07 -13.10 14.55
N GLU A 114 -2.40 -14.15 14.09
CA GLU A 114 -1.06 -14.47 14.51
C GLU A 114 -0.12 -14.34 13.28
N ARG A 115 0.94 -13.54 13.41
CA ARG A 115 1.95 -13.41 12.36
C ARG A 115 3.34 -13.52 12.90
N LEU A 116 4.24 -13.75 11.96
CA LEU A 116 5.67 -13.87 12.24
C LEU A 116 6.25 -12.54 12.57
N GLY A 117 7.03 -12.53 13.64
CA GLY A 117 7.79 -11.41 14.08
C GLY A 117 9.17 -11.89 14.48
N GLY A 118 9.98 -10.92 14.91
CA GLY A 118 11.42 -11.18 15.19
C GLY A 118 12.16 -10.82 13.92
N GLN A 119 13.27 -10.05 14.03
CA GLN A 119 14.03 -9.68 12.85
C GLN A 119 14.41 -10.87 11.92
N ALA A 120 15.02 -11.92 12.46
CA ALA A 120 15.35 -13.10 11.65
C ALA A 120 14.18 -13.75 10.94
N GLY A 121 13.06 -13.92 11.60
CA GLY A 121 11.79 -14.37 11.00
C GLY A 121 11.35 -13.50 9.81
N ILE A 122 11.21 -12.22 10.03
CA ILE A 122 10.78 -11.24 8.97
C ILE A 122 11.75 -11.24 7.83
N ILE A 123 13.02 -11.31 8.15
CA ILE A 123 14.02 -11.29 7.12
C ILE A 123 13.92 -12.59 6.31
N ALA A 124 13.80 -13.70 7.02
CA ALA A 124 13.72 -14.98 6.33
C ALA A 124 12.47 -15.00 5.41
N ASN A 125 11.36 -14.54 5.92
CA ASN A 125 10.15 -14.59 5.10
C ASN A 125 10.27 -13.65 3.88
N THR A 126 10.87 -12.46 4.04
CA THR A 126 11.06 -11.53 2.93
C THR A 126 11.93 -12.13 1.85
N LEU A 127 13.09 -12.66 2.22
CA LEU A 127 13.98 -13.37 1.31
C LEU A 127 13.38 -14.55 0.60
N ALA A 128 12.60 -15.40 1.31
CA ALA A 128 11.94 -16.54 0.71
C ALA A 128 10.80 -16.03 -0.25
N GLY A 129 10.20 -14.86 0.07
CA GLY A 129 9.28 -14.27 -0.82
C GLY A 129 9.92 -13.80 -2.13
N LEU A 130 11.18 -13.31 -2.06
CA LEU A 130 11.97 -12.97 -3.26
C LEU A 130 12.42 -14.19 -4.11
N LYS A 131 12.25 -15.37 -3.54
CA LYS A 131 12.62 -16.63 -4.17
C LYS A 131 14.09 -16.71 -4.50
N ILE A 132 14.95 -16.30 -3.55
CA ILE A 132 16.37 -16.49 -3.74
C ILE A 132 16.66 -17.99 -3.65
N ARG A 133 17.87 -18.36 -4.00
CA ARG A 133 18.21 -19.76 -4.14
C ARG A 133 18.02 -20.54 -2.89
N LYS A 134 18.41 -19.98 -1.73
CA LYS A 134 18.20 -20.73 -0.51
C LYS A 134 18.14 -19.75 0.68
N VAL A 135 17.21 -20.02 1.57
CA VAL A 135 16.99 -19.21 2.75
C VAL A 135 16.95 -20.21 3.88
N ILE A 136 17.91 -20.17 4.81
CA ILE A 136 17.87 -21.01 6.00
C ILE A 136 17.70 -20.10 7.23
N ALA A 137 16.73 -20.39 8.08
CA ALA A 137 16.53 -19.65 9.25
C ALA A 137 16.79 -20.46 10.52
N TYR A 138 17.26 -19.80 11.57
CA TYR A 138 17.48 -20.53 12.84
C TYR A 138 17.01 -19.70 13.99
N THR A 139 16.30 -20.36 14.90
CA THR A 139 16.01 -19.80 16.19
C THR A 139 16.18 -21.01 17.11
N PRO A 140 16.70 -20.84 18.30
CA PRO A 140 16.75 -21.96 19.26
C PRO A 140 15.38 -22.47 19.72
N PHE A 141 14.31 -21.68 19.57
CA PHE A 141 12.98 -22.07 20.08
C PHE A 141 12.01 -22.18 18.93
N LEU A 142 11.61 -23.40 18.59
CA LEU A 142 10.77 -23.65 17.40
C LEU A 142 9.61 -24.61 17.73
N PRO A 143 8.60 -24.13 18.46
CA PRO A 143 7.35 -24.86 18.61
C PRO A 143 6.58 -24.80 17.31
N LYS A 144 5.66 -25.73 17.17
CA LYS A 144 4.87 -25.83 15.93
C LYS A 144 4.21 -24.51 15.57
N ARG A 145 3.65 -23.89 16.57
CA ARG A 145 2.86 -22.68 16.34
C ARG A 145 3.68 -21.56 15.71
N LEU A 146 4.96 -21.50 16.04
CA LEU A 146 5.87 -20.54 15.43
C LEU A 146 6.25 -21.10 14.09
N ALA A 147 6.62 -22.37 14.01
CA ALA A 147 7.17 -22.92 12.76
C ALA A 147 6.20 -22.66 11.56
N GLU A 148 4.90 -22.70 11.82
CA GLU A 148 3.90 -22.63 10.74
C GLU A 148 3.67 -21.22 10.19
N LEU A 149 4.18 -20.21 10.90
CA LEU A 149 4.08 -18.85 10.46
C LEU A 149 5.19 -18.49 9.45
N PHE A 150 6.19 -19.32 9.24
CA PHE A 150 7.17 -19.08 8.19
C PHE A 150 6.60 -19.44 6.81
N LYS A 151 7.08 -18.72 5.80
CA LYS A 151 6.73 -19.06 4.42
C LYS A 151 7.31 -20.35 4.02
N LYS A 152 6.65 -20.98 3.05
CA LYS A 152 7.17 -22.19 2.42
C LYS A 152 8.46 -21.79 1.75
N GLY A 153 9.43 -22.65 1.80
CA GLY A 153 10.68 -22.37 1.15
C GLY A 153 11.79 -22.10 2.18
N VAL A 154 11.47 -21.72 3.42
CA VAL A 154 12.50 -21.45 4.42
C VAL A 154 12.92 -22.81 4.98
N LEU A 155 14.19 -23.08 4.93
CA LEU A 155 14.82 -24.23 5.58
C LEU A 155 15.25 -23.97 7.02
N TYR A 156 15.34 -25.04 7.79
CA TYR A 156 15.80 -25.04 9.14
C TYR A 156 16.78 -26.20 9.31
N PRO A 157 17.95 -25.96 9.93
CA PRO A 157 18.94 -27.02 10.16
C PRO A 157 18.61 -27.84 11.41
N VAL A 158 18.65 -29.16 11.30
CA VAL A 158 18.41 -30.11 12.39
C VAL A 158 19.51 -31.20 12.35
N VAL A 159 19.72 -31.86 13.49
CA VAL A 159 20.61 -33.00 13.60
C VAL A 159 19.72 -34.24 13.49
N GLU A 160 20.08 -35.12 12.57
CA GLU A 160 19.26 -36.28 12.26
C GLU A 160 20.21 -37.42 12.08
N ASN A 161 20.07 -38.47 12.87
CA ASN A 161 20.98 -39.61 12.78
C ASN A 161 22.44 -39.19 12.98
N GLY A 162 22.67 -38.25 13.90
CA GLY A 162 24.04 -37.77 14.20
C GLY A 162 24.65 -36.90 13.11
N GLU A 163 23.84 -36.49 12.13
CA GLU A 163 24.35 -35.66 11.03
C GLU A 163 23.44 -34.41 10.76
N LEU A 164 23.99 -33.42 10.08
CA LEU A 164 23.24 -32.22 9.64
C LEU A 164 22.28 -32.58 8.51
N GLN A 165 21.04 -32.23 8.73
CA GLN A 165 20.07 -32.15 7.60
C GLN A 165 19.23 -30.85 7.70
N PHE A 166 18.66 -30.44 6.59
CA PHE A 166 17.75 -29.29 6.54
C PHE A 166 16.41 -29.88 6.32
N LYS A 167 15.40 -29.31 6.97
CA LYS A 167 14.01 -29.61 6.75
C LYS A 167 13.29 -28.30 6.43
N PRO A 168 12.10 -28.38 5.78
CA PRO A 168 11.17 -27.28 5.72
C PRO A 168 10.89 -26.87 7.18
N ILE A 169 11.03 -25.58 7.44
CA ILE A 169 10.97 -25.13 8.84
C ILE A 169 9.63 -25.46 9.48
N GLN A 170 8.56 -25.52 8.69
CA GLN A 170 7.23 -25.80 9.22
C GLN A 170 7.14 -27.18 9.80
N GLU A 171 8.07 -28.05 9.39
CA GLU A 171 8.06 -29.43 9.78
C GLU A 171 9.18 -29.77 10.73
N ALA A 172 9.93 -28.77 11.21
CA ALA A 172 11.13 -28.99 12.01
C ALA A 172 10.88 -28.70 13.47
N TYR A 173 9.67 -28.27 13.80
CA TYR A 173 9.34 -27.86 15.16
C TYR A 173 9.66 -28.97 16.20
N ARG A 174 9.99 -28.52 17.42
CA ARG A 174 10.18 -29.35 18.59
C ARG A 174 9.06 -29.12 19.51
N GLU A 175 8.39 -30.22 19.84
CA GLU A 175 7.26 -30.16 20.74
C GLU A 175 7.77 -29.75 22.05
N GLY A 176 7.11 -28.81 22.65
CA GLY A 176 7.57 -28.41 23.95
C GLY A 176 8.60 -27.30 23.96
N ASP A 177 9.07 -26.80 22.81
CA ASP A 177 10.03 -25.69 22.88
C ASP A 177 9.36 -24.45 23.52
N PRO A 178 10.15 -23.58 24.13
CA PRO A 178 9.62 -22.36 24.67
C PRO A 178 8.96 -21.51 23.57
N LEU A 179 7.93 -20.83 24.01
CA LEU A 179 7.04 -20.19 23.10
C LEU A 179 7.04 -18.64 23.27
N LYS A 180 7.72 -17.94 22.36
CA LYS A 180 7.82 -16.46 22.51
C LYS A 180 6.67 -15.83 21.76
N ILE A 181 5.75 -15.16 22.46
CA ILE A 181 4.58 -14.55 21.86
C ILE A 181 4.41 -13.16 22.41
N ASN A 182 4.38 -12.16 21.53
CA ASN A 182 4.06 -10.79 21.92
C ASN A 182 2.62 -10.52 21.54
N ARG A 183 1.88 -9.85 22.40
CA ARG A 183 0.41 -9.73 22.19
C ARG A 183 0.05 -8.28 22.09
N ILE A 184 -0.66 -7.91 21.04
CA ILE A 184 -1.01 -6.53 20.84
C ILE A 184 -2.50 -6.50 21.07
N PHE A 185 -2.92 -5.71 22.04
CA PHE A 185 -4.36 -5.52 22.25
C PHE A 185 -4.83 -4.20 21.60
N GLU A 186 -5.67 -4.28 20.58
CA GLU A 186 -6.25 -3.09 19.94
C GLU A 186 -7.54 -2.64 20.66
N PHE A 187 -7.57 -1.38 21.08
CA PHE A 187 -8.79 -0.73 21.59
C PHE A 187 -9.15 0.50 20.74
N ARG A 188 -10.43 0.55 20.32
CA ARG A 188 -10.94 1.70 19.58
C ARG A 188 -11.85 2.58 20.42
N LYS A 189 -11.68 3.89 20.25
CA LYS A 189 -12.57 4.91 20.83
C LYS A 189 -14.08 4.62 20.61
N GLY A 190 -14.88 4.97 21.61
CA GLY A 190 -16.32 4.79 21.55
C GLY A 190 -16.80 3.80 22.59
N LEU A 191 -16.21 2.61 22.57
CA LEU A 191 -16.47 1.57 23.59
C LEU A 191 -16.61 2.10 25.00
N LYS A 192 -17.64 1.61 25.70
CA LYS A 192 -17.74 1.75 27.14
C LYS A 192 -17.82 0.33 27.74
N PHE A 193 -17.26 0.20 28.94
CA PHE A 193 -17.42 -0.99 29.78
C PHE A 193 -17.62 -0.50 31.22
N LYS A 194 -17.73 -1.42 32.17
CA LYS A 194 -17.84 -1.01 33.57
C LYS A 194 -16.96 -1.82 34.52
N LEU A 195 -16.38 -1.10 35.46
CA LEU A 195 -15.51 -1.63 36.50
C LEU A 195 -16.31 -1.48 37.80
N GLY A 196 -17.23 -2.42 37.99
CA GLY A 196 -18.22 -2.36 39.05
C GLY A 196 -19.36 -1.43 38.65
N ASP A 197 -19.58 -0.39 39.46
CA ASP A 197 -20.61 0.64 39.17
C ASP A 197 -20.09 1.73 38.22
N GLU A 198 -18.79 2.08 38.34
CA GLU A 198 -18.12 3.11 37.52
C GLU A 198 -18.11 2.81 35.99
N THR A 199 -18.88 3.56 35.20
CA THR A 199 -18.85 3.48 33.73
C THR A 199 -17.54 4.09 33.22
N ILE A 200 -17.04 3.59 32.07
CA ILE A 200 -15.74 4.01 31.52
C ILE A 200 -15.69 3.96 29.99
N GLU A 201 -15.58 5.13 29.38
CA GLU A 201 -15.50 5.26 27.92
C GLU A 201 -14.05 5.48 27.54
N ILE A 202 -13.67 4.90 26.41
CA ILE A 202 -12.30 5.00 25.91
C ILE A 202 -12.17 6.25 25.02
N PRO A 203 -11.37 7.25 25.43
CA PRO A 203 -11.13 8.46 24.63
C PRO A 203 -10.61 8.24 23.17
N ASN A 204 -9.48 7.55 23.02
CA ASN A 204 -8.80 7.39 21.72
C ASN A 204 -8.69 5.92 21.33
N SER A 205 -8.35 5.63 20.06
CA SER A 205 -7.91 4.27 19.72
C SER A 205 -6.50 4.07 20.31
N GLY A 206 -5.92 2.89 20.08
CA GLY A 206 -4.60 2.57 20.58
C GLY A 206 -4.32 1.09 20.77
N ARG A 207 -3.10 0.78 21.21
CA ARG A 207 -2.73 -0.63 21.45
C ARG A 207 -2.06 -0.80 22.84
N PHE A 208 -2.41 -1.90 23.51
CA PHE A 208 -1.74 -2.25 24.76
C PHE A 208 -0.92 -3.49 24.38
N ILE A 209 0.40 -3.41 24.56
CA ILE A 209 1.31 -4.44 24.04
C ILE A 209 1.94 -5.20 25.19
N VAL A 210 1.87 -6.50 25.09
CA VAL A 210 2.44 -7.36 26.13
C VAL A 210 3.55 -8.19 25.49
N SER A 211 4.77 -7.78 25.81
CA SER A 211 5.97 -8.35 25.30
C SER A 211 6.49 -9.52 26.09
N ALA A 212 6.82 -10.63 25.38
CA ALA A 212 7.49 -11.79 26.00
C ALA A 212 8.86 -11.42 26.46
N ARG A 213 9.08 -11.50 27.77
CA ARG A 213 10.32 -11.11 28.40
C ARG A 213 10.56 -12.02 29.65
N PHE A 214 10.24 -13.32 29.51
CA PHE A 214 10.62 -14.35 30.49
C PHE A 214 11.93 -15.05 30.12
N GLU A 215 12.54 -15.71 31.08
CA GLU A 215 13.87 -16.22 30.91
C GLU A 215 14.10 -17.24 29.78
N SER A 216 13.19 -18.19 29.57
CA SER A 216 13.44 -19.29 28.66
C SER A 216 13.61 -18.80 27.21
N ILE A 217 12.98 -17.69 26.88
CA ILE A 217 13.12 -17.16 25.56
C ILE A 217 14.23 -16.13 25.41
N SER A 218 15.04 -15.98 26.45
CA SER A 218 16.18 -15.06 26.44
C SER A 218 17.51 -15.74 26.34
N ARG A 219 17.52 -17.06 26.27
CA ARG A 219 18.75 -17.79 26.03
C ARG A 219 19.12 -17.83 24.54
N ILE A 220 19.58 -16.69 24.01
CA ILE A 220 19.78 -16.48 22.58
C ILE A 220 21.13 -17.08 22.19
N GLU A 221 21.05 -18.20 21.45
CA GLU A 221 22.23 -18.92 21.01
C GLU A 221 21.90 -19.91 19.90
N THR A 222 22.97 -20.48 19.32
CA THR A 222 22.88 -21.74 18.57
C THR A 222 22.93 -22.81 19.63
N ARG A 223 21.93 -23.65 19.70
CA ARG A 223 21.93 -24.74 20.64
C ARG A 223 23.02 -25.74 20.42
N GLU A 224 23.29 -26.48 21.47
CA GLU A 224 24.46 -27.32 21.42
C GLU A 224 24.37 -28.45 20.36
N ASP A 225 23.18 -28.96 20.12
CA ASP A 225 23.08 -30.02 19.08
C ASP A 225 23.55 -29.56 17.68
N ILE A 226 23.23 -28.33 17.28
CA ILE A 226 23.51 -27.85 15.96
C ILE A 226 24.82 -27.18 15.91
N LYS A 227 25.28 -26.68 17.06
CA LYS A 227 26.56 -25.96 17.09
C LYS A 227 27.75 -26.55 16.32
N PRO A 228 28.01 -27.87 16.45
CA PRO A 228 29.11 -28.49 15.74
C PRO A 228 29.03 -28.53 14.18
N PHE A 229 27.83 -28.29 13.67
CA PHE A 229 27.57 -28.22 12.22
C PHE A 229 27.51 -26.84 11.62
N LEU A 230 27.80 -25.80 12.40
CA LEU A 230 27.71 -24.45 11.85
C LEU A 230 28.60 -24.25 10.70
N GLY A 231 29.84 -24.75 10.71
CA GLY A 231 30.69 -24.52 9.56
C GLY A 231 30.20 -25.22 8.27
N GLU A 232 29.61 -26.41 8.46
CA GLU A 232 28.94 -27.12 7.37
C GLU A 232 27.76 -26.37 6.86
N ILE A 233 27.03 -25.69 7.76
CA ILE A 233 25.98 -24.79 7.30
C ILE A 233 26.60 -23.64 6.47
N GLY A 234 27.69 -23.10 6.95
CA GLY A 234 28.37 -22.01 6.29
C GLY A 234 28.77 -22.22 4.86
N LYS A 235 29.17 -23.43 4.55
CA LYS A 235 29.50 -23.82 3.20
C LYS A 235 28.30 -23.67 2.28
N GLU A 236 27.09 -23.70 2.81
CA GLU A 236 25.92 -23.61 1.94
C GLU A 236 25.44 -22.17 1.61
N VAL A 237 26.03 -21.11 2.21
CA VAL A 237 25.46 -19.70 2.07
C VAL A 237 26.50 -18.71 1.65
N ASP A 238 26.10 -17.61 1.01
CA ASP A 238 26.95 -16.52 0.72
C ASP A 238 27.00 -15.48 1.81
N GLY A 239 25.97 -15.41 2.63
CA GLY A 239 25.92 -14.41 3.68
C GLY A 239 25.08 -14.94 4.84
N ALA A 240 25.25 -14.40 6.00
CA ALA A 240 24.39 -14.66 7.13
C ALA A 240 23.98 -13.30 7.72
N ILE A 241 22.73 -13.19 8.21
CA ILE A 241 22.23 -11.99 8.84
C ILE A 241 21.92 -12.41 10.31
N PHE A 242 22.65 -11.85 11.25
CA PHE A 242 22.50 -12.13 12.67
C PHE A 242 21.80 -10.94 13.40
N SER A 243 20.86 -11.26 14.26
CA SER A 243 20.16 -10.27 15.06
C SER A 243 19.57 -10.93 16.27
N GLY A 244 19.01 -10.14 17.19
CA GLY A 244 18.33 -10.67 18.35
C GLY A 244 19.15 -10.68 19.61
N TYR A 245 20.32 -10.10 19.58
CA TYR A 245 21.16 -10.00 20.78
C TYR A 245 20.47 -9.25 21.90
N GLN A 246 19.55 -8.37 21.52
CA GLN A 246 18.82 -7.55 22.46
C GLN A 246 17.87 -8.36 23.40
N GLY A 247 17.58 -9.61 23.05
CA GLY A 247 16.87 -10.52 23.90
C GLY A 247 17.60 -11.13 25.06
N LEU A 248 18.92 -10.98 25.12
CA LEU A 248 19.72 -11.48 26.23
C LEU A 248 19.37 -10.72 27.48
N ARG A 249 19.48 -11.40 28.64
CA ARG A 249 19.34 -10.75 29.95
C ARG A 249 20.72 -10.61 30.53
N THR A 250 20.89 -9.68 31.44
CA THR A 250 22.07 -9.59 32.32
C THR A 250 22.50 -10.87 33.01
N LYS A 251 21.55 -11.53 33.69
CA LYS A 251 21.83 -12.68 34.53
C LYS A 251 20.69 -13.71 34.40
N TYR A 252 21.07 -14.97 34.47
CA TYR A 252 20.19 -16.13 34.29
C TYR A 252 20.23 -17.00 35.55
N SER A 253 19.15 -17.75 35.77
CA SER A 253 18.91 -18.67 36.90
C SER A 253 19.98 -19.69 37.16
N ASP A 254 20.60 -20.20 36.10
CA ASP A 254 21.53 -21.28 36.22
C ASP A 254 22.95 -20.74 36.28
N GLY A 255 23.10 -19.47 36.68
CA GLY A 255 24.41 -18.82 36.77
C GLY A 255 25.05 -18.28 35.48
N LYS A 256 24.48 -18.61 34.33
CA LYS A 256 24.89 -18.00 33.03
C LYS A 256 24.60 -16.50 33.04
N ASP A 257 25.28 -15.75 32.13
CA ASP A 257 25.06 -14.35 32.01
C ASP A 257 25.16 -13.91 30.60
N ALA A 258 25.00 -12.62 30.34
CA ALA A 258 25.14 -12.12 28.97
C ALA A 258 26.48 -12.51 28.36
N ASN A 259 27.54 -12.46 29.14
CA ASN A 259 28.82 -12.73 28.61
C ASN A 259 28.92 -14.17 28.09
N TYR A 260 28.34 -15.11 28.85
CA TYR A 260 28.30 -16.51 28.47
C TYR A 260 27.70 -16.61 27.06
N TYR A 261 26.51 -16.05 26.87
CA TYR A 261 25.94 -16.13 25.51
C TYR A 261 26.71 -15.41 24.44
N LEU A 262 27.36 -14.32 24.82
CA LEU A 262 28.13 -13.54 23.84
C LEU A 262 29.40 -14.30 23.40
N ARG A 263 29.95 -15.19 24.27
CA ARG A 263 31.15 -15.96 23.88
C ARG A 263 30.70 -17.00 22.85
N ARG A 264 29.54 -17.57 23.09
CA ARG A 264 28.93 -18.48 22.07
C ARG A 264 28.63 -17.79 20.72
N ALA A 265 28.15 -16.56 20.80
CA ALA A 265 27.88 -15.71 19.61
C ALA A 265 29.13 -15.44 18.84
N LYS A 266 30.26 -15.22 19.53
CA LYS A 266 31.53 -15.03 18.88
C LYS A 266 32.03 -16.31 18.13
N GLU A 267 31.87 -17.43 18.79
CA GLU A 267 32.17 -18.72 18.21
C GLU A 267 31.34 -18.93 16.90
N ASP A 268 30.10 -18.50 16.86
CA ASP A 268 29.23 -18.71 15.66
C ASP A 268 29.76 -17.85 14.55
N ILE A 269 30.13 -16.62 14.87
CA ILE A 269 30.69 -15.73 13.89
C ILE A 269 31.95 -16.27 13.23
N ILE A 270 32.86 -16.82 14.05
CA ILE A 270 34.05 -17.42 13.59
C ILE A 270 33.79 -18.59 12.58
N GLU A 271 32.90 -19.51 12.91
CA GLU A 271 32.51 -20.62 12.02
C GLU A 271 32.04 -20.15 10.63
N PHE A 272 31.15 -19.11 10.57
CA PHE A 272 30.72 -18.63 9.27
C PHE A 272 31.81 -17.85 8.53
N LYS A 273 32.56 -16.97 9.22
CA LYS A 273 33.55 -16.18 8.54
C LYS A 273 34.68 -17.05 8.06
N GLU A 274 34.93 -18.16 8.73
CA GLU A 274 36.05 -19.06 8.23
C GLU A 274 35.68 -19.69 6.87
N LYS A 275 34.38 -19.90 6.71
CA LYS A 275 33.79 -20.36 5.44
C LYS A 275 33.52 -19.30 4.37
N ASP A 276 34.11 -18.15 4.55
CA ASP A 276 33.97 -17.02 3.65
C ASP A 276 32.54 -16.43 3.49
N VAL A 277 31.72 -16.67 4.47
CA VAL A 277 30.42 -16.06 4.56
C VAL A 277 30.60 -14.62 5.03
N LYS A 278 29.98 -13.69 4.33
CA LYS A 278 29.85 -12.31 4.84
C LYS A 278 28.73 -12.16 5.87
N ILE A 279 28.98 -11.42 6.94
CA ILE A 279 27.98 -11.34 8.04
C ILE A 279 27.48 -9.97 8.29
N HIS A 280 26.17 -9.86 8.29
CA HIS A 280 25.49 -8.62 8.53
C HIS A 280 24.82 -8.74 9.91
N VAL A 281 25.04 -7.79 10.77
CA VAL A 281 24.26 -7.68 12.05
C VAL A 281 23.25 -6.51 11.96
N GLU A 282 21.96 -6.83 12.11
CA GLU A 282 20.95 -5.81 12.33
C GLU A 282 20.75 -5.50 13.78
N PHE A 283 21.10 -4.29 14.16
CA PHE A 283 21.09 -3.81 15.55
C PHE A 283 19.66 -3.50 15.93
N ALA A 284 19.51 -3.13 17.16
CA ALA A 284 18.23 -2.93 17.75
C ALA A 284 18.39 -2.04 18.98
N SER A 285 17.25 -1.57 19.47
CA SER A 285 17.16 -0.81 20.69
C SER A 285 17.47 -1.72 21.85
N VAL A 286 18.49 -1.38 22.61
CA VAL A 286 18.83 -2.04 23.84
C VAL A 286 18.81 -1.03 24.98
N GLN A 287 17.81 -1.12 25.84
CA GLN A 287 17.57 -0.09 26.89
C GLN A 287 18.64 -0.13 27.93
N ASP A 288 19.13 -1.31 28.30
CA ASP A 288 20.15 -1.43 29.32
C ASP A 288 21.52 -1.09 28.73
N ARG A 289 22.13 -0.04 29.25
CA ARG A 289 23.29 0.51 28.62
C ARG A 289 24.44 -0.44 28.76
N LYS A 290 24.48 -1.17 29.86
CA LYS A 290 25.54 -2.11 30.08
C LYS A 290 25.46 -3.31 29.09
N LEU A 291 24.28 -3.82 28.90
CA LEU A 291 24.05 -4.85 27.87
C LEU A 291 24.29 -4.33 26.48
N ARG A 292 23.92 -3.10 26.22
CA ARG A 292 24.12 -2.53 24.95
C ARG A 292 25.64 -2.44 24.62
N LYS A 293 26.41 -2.06 25.63
CA LYS A 293 27.83 -1.96 25.58
C LYS A 293 28.44 -3.34 25.35
N LYS A 294 27.95 -4.37 26.01
CA LYS A 294 28.48 -5.72 25.84
C LYS A 294 28.23 -6.21 24.41
N ILE A 295 27.07 -5.93 23.88
CA ILE A 295 26.76 -6.39 22.52
C ILE A 295 27.66 -5.71 21.48
N ILE A 296 27.79 -4.42 21.60
CA ILE A 296 28.63 -3.63 20.72
C ILE A 296 30.06 -4.17 20.78
N THR A 297 30.59 -4.29 21.99
CA THR A 297 31.94 -4.82 22.17
C THR A 297 32.17 -6.25 21.59
N ASN A 298 31.24 -7.14 21.91
CA ASN A 298 31.37 -8.55 21.61
C ASN A 298 31.07 -8.87 20.14
N ILE A 299 30.21 -8.07 19.45
CA ILE A 299 29.62 -8.54 18.19
C ILE A 299 30.12 -7.66 17.00
N LEU A 300 29.97 -6.33 17.13
CA LEU A 300 30.14 -5.40 15.98
C LEU A 300 31.51 -5.37 15.29
N PRO A 301 32.65 -5.31 16.04
CA PRO A 301 33.95 -5.32 15.41
C PRO A 301 34.26 -6.63 14.67
N PHE A 302 33.47 -7.65 14.86
CA PHE A 302 33.80 -8.99 14.34
C PHE A 302 33.03 -9.38 13.12
N VAL A 303 32.06 -8.56 12.71
CA VAL A 303 31.20 -8.87 11.58
C VAL A 303 31.59 -7.95 10.41
N ASP A 304 30.87 -8.00 9.29
CA ASP A 304 31.27 -7.30 8.09
C ASP A 304 30.32 -6.07 7.94
N SER A 305 29.03 -6.35 7.86
CA SER A 305 28.05 -5.32 7.62
C SER A 305 27.19 -5.10 8.89
N VAL A 306 26.85 -3.85 9.16
CA VAL A 306 26.03 -3.48 10.30
C VAL A 306 24.92 -2.49 9.85
N GLY A 307 23.70 -2.75 10.30
CA GLY A 307 22.50 -1.96 9.98
C GLY A 307 21.99 -1.28 11.25
N ILE A 308 21.90 0.05 11.18
CA ILE A 308 21.37 0.83 12.31
C ILE A 308 20.37 1.86 11.88
N ASP A 309 19.46 2.20 12.78
CA ASP A 309 18.63 3.42 12.58
C ASP A 309 19.12 4.68 13.31
N GLU A 310 18.43 5.78 13.17
CA GLU A 310 18.93 7.05 13.71
C GLU A 310 18.87 7.03 15.20
N ALA A 311 17.89 6.38 15.77
CA ALA A 311 17.85 6.32 17.22
C ALA A 311 19.06 5.47 17.72
N GLU A 312 19.37 4.39 16.96
CA GLU A 312 20.47 3.48 17.35
C GLU A 312 21.82 4.13 17.27
N ILE A 313 22.03 5.02 16.28
CA ILE A 313 23.31 5.66 16.16
C ILE A 313 23.66 6.41 17.44
N ALA A 314 22.68 7.09 17.98
CA ALA A 314 22.94 7.87 19.22
C ALA A 314 23.17 6.97 20.43
N GLN A 315 22.37 5.93 20.54
CA GLN A 315 22.56 4.91 21.63
C GLN A 315 23.94 4.29 21.60
N ILE A 316 24.49 4.01 20.40
CA ILE A 316 25.81 3.46 20.31
C ILE A 316 26.80 4.51 20.71
N LEU A 317 26.73 5.68 20.09
CA LEU A 317 27.70 6.77 20.43
C LEU A 317 27.73 7.08 21.92
N SER A 318 26.54 7.06 22.50
CA SER A 318 26.41 7.37 23.91
C SER A 318 27.27 6.38 24.68
N VAL A 319 27.26 5.07 24.36
CA VAL A 319 28.09 4.18 25.19
C VAL A 319 29.51 4.10 24.79
N LEU A 320 29.83 4.66 23.64
CA LEU A 320 31.17 4.72 23.22
C LEU A 320 31.82 6.00 23.81
N GLY A 321 31.07 6.93 24.38
CA GLY A 321 31.65 8.10 25.08
C GLY A 321 31.37 9.42 24.37
N TYR A 322 30.63 9.37 23.28
CA TYR A 322 30.43 10.54 22.51
C TYR A 322 29.08 11.13 22.88
N ARG A 323 28.93 11.53 24.13
CA ARG A 323 27.60 11.85 24.66
C ARG A 323 27.00 13.13 24.07
N GLU A 324 27.85 14.11 23.87
CA GLU A 324 27.44 15.37 23.19
C GLU A 324 26.85 15.15 21.83
N LEU A 325 27.56 14.38 20.99
CA LEU A 325 27.11 14.17 19.63
C LEU A 325 25.90 13.31 19.68
N ALA A 326 25.83 12.36 20.60
CA ALA A 326 24.62 11.52 20.64
C ALA A 326 23.37 12.39 20.98
N ASP A 327 23.50 13.24 21.94
CA ASP A 327 22.40 14.22 22.32
C ASP A 327 21.98 15.14 21.15
N ARG A 328 22.95 15.58 20.36
CA ARG A 328 22.67 16.41 19.16
C ARG A 328 21.88 15.61 18.14
N ILE A 329 22.29 14.37 17.91
CA ILE A 329 21.54 13.56 16.99
C ILE A 329 20.10 13.38 17.51
N PHE A 330 19.97 13.06 18.78
CA PHE A 330 18.64 12.70 19.27
C PHE A 330 17.73 14.00 19.12
N THR A 331 18.27 15.15 19.50
CA THR A 331 17.55 16.42 19.51
C THR A 331 17.22 16.99 18.14
N TYR A 332 18.17 16.95 17.22
CA TYR A 332 18.04 17.74 15.97
C TYR A 332 17.96 16.91 14.69
N ASN A 333 18.37 15.64 14.76
CA ASN A 333 18.25 14.72 13.61
C ASN A 333 18.86 15.30 12.30
N ARG A 334 20.01 15.93 12.41
CA ARG A 334 20.68 16.44 11.18
C ARG A 334 21.63 15.46 10.46
N LEU A 335 21.57 15.52 9.13
CA LEU A 335 22.28 14.66 8.22
C LEU A 335 23.75 14.71 8.53
N GLU A 336 24.27 15.88 8.74
CA GLU A 336 25.67 16.06 9.10
C GLU A 336 26.14 15.35 10.38
N ASP A 337 25.35 15.41 11.44
CA ASP A 337 25.72 14.79 12.71
C ASP A 337 25.62 13.27 12.62
N SER A 338 24.72 12.78 11.79
CA SER A 338 24.66 11.36 11.58
C SER A 338 25.84 10.86 10.73
N ILE A 339 26.32 11.67 9.75
CA ILE A 339 27.47 11.28 8.93
C ILE A 339 28.67 11.23 9.84
N LEU A 340 28.87 12.26 10.67
CA LEU A 340 29.99 12.21 11.63
C LEU A 340 29.94 11.06 12.58
N GLY A 341 28.78 10.83 13.15
CA GLY A 341 28.60 9.77 14.10
C GLY A 341 28.75 8.38 13.48
N GLY A 342 28.28 8.17 12.26
CA GLY A 342 28.54 6.94 11.54
C GLY A 342 30.02 6.69 11.27
N ILE A 344 32.55 7.95 13.11
CA ILE A 344 33.10 7.54 14.35
C ILE A 344 32.85 6.10 14.70
N ILE A 345 31.66 5.60 14.44
CA ILE A 345 31.30 4.23 14.87
C ILE A 345 32.17 3.24 13.98
N LEU A 346 32.23 3.50 12.72
CA LEU A 346 33.05 2.68 11.81
C LEU A 346 34.53 2.73 12.17
N ASP A 347 35.04 3.90 12.41
CA ASP A 347 36.44 4.06 12.76
C ASP A 347 36.78 3.31 14.07
N GLU A 348 35.89 3.40 15.06
CA GLU A 348 36.14 2.80 16.37
C GLU A 348 35.98 1.31 16.35
N LEU A 349 34.95 0.85 15.68
CA LEU A 349 34.58 -0.59 15.75
C LEU A 349 35.20 -1.42 14.60
N ASN A 350 35.50 -0.80 13.46
CA ASN A 350 36.30 -1.40 12.43
C ASN A 350 35.75 -2.74 11.82
N PHE A 351 34.45 -2.75 11.61
CA PHE A 351 33.81 -3.75 10.74
C PHE A 351 33.98 -3.24 9.33
N GLU A 352 33.20 -3.69 8.36
CA GLU A 352 33.52 -3.32 6.95
C GLU A 352 32.67 -2.24 6.34
N ILE A 353 31.38 -2.20 6.65
CA ILE A 353 30.47 -1.21 6.07
C ILE A 353 29.27 -1.01 7.00
N LEU A 354 28.84 0.26 7.12
CA LEU A 354 27.75 0.67 7.98
C LEU A 354 26.62 1.18 7.12
N GLN A 355 25.41 0.70 7.37
CA GLN A 355 24.24 1.22 6.72
C GLN A 355 23.33 1.86 7.78
N VAL A 356 22.95 3.12 7.56
CA VAL A 356 22.06 3.85 8.46
C VAL A 356 20.73 4.07 7.70
N HIS A 357 19.63 3.71 8.28
CA HIS A 357 18.30 3.91 7.75
C HIS A 357 17.57 4.98 8.56
N THR A 358 17.01 5.95 7.85
CA THR A 358 16.28 7.10 8.50
C THR A 358 15.03 7.33 7.75
N THR A 359 14.15 8.15 8.32
CA THR A 359 12.90 8.35 7.62
C THR A 359 13.11 8.79 6.18
N TYR A 360 13.94 9.77 5.96
CA TYR A 360 14.03 10.47 4.62
C TYR A 360 15.25 10.08 3.73
N TYR A 361 16.22 9.34 4.28
CA TYR A 361 17.48 9.05 3.58
C TYR A 361 18.07 7.71 4.18
N LEU A 362 18.67 6.91 3.30
CA LEU A 362 19.58 5.84 3.70
C LEU A 362 21.00 6.25 3.39
N TYR A 364 25.29 4.71 3.37
CA TYR A 364 26.39 3.77 3.53
C TYR A 364 27.68 4.54 3.82
N ILE A 365 28.49 3.99 4.71
CA ILE A 365 29.79 4.46 5.02
C ILE A 365 30.64 3.24 4.96
N THR A 366 31.70 3.32 4.15
CA THR A 366 32.66 2.23 3.97
C THR A 366 34.10 2.78 4.08
N HIS A 367 35.03 1.85 4.24
CA HIS A 367 36.44 2.15 4.15
C HIS A 367 36.76 2.51 2.69
N ARG A 368 37.80 3.29 2.55
CA ARG A 368 38.22 3.79 1.20
C ARG A 368 38.54 2.66 0.19
N ASP A 369 38.94 1.50 0.70
CA ASP A 369 39.29 0.38 -0.15
C ASP A 369 38.13 -0.62 -0.38
N ASN A 370 36.91 -0.25 -0.06
CA ASN A 370 35.80 -1.10 -0.40
C ASN A 370 35.76 -1.27 -1.95
N PRO A 371 35.59 -2.49 -2.43
CA PRO A 371 35.63 -2.76 -3.85
C PRO A 371 34.46 -2.12 -4.63
N LEU A 372 33.32 -1.90 -3.97
CA LEU A 372 32.17 -1.32 -4.71
C LEU A 372 32.40 0.14 -5.07
N SER A 373 31.94 0.50 -6.24
CA SER A 373 31.82 1.93 -6.57
C SER A 373 30.67 2.68 -5.78
N GLU A 374 30.74 4.00 -5.79
CA GLU A 374 29.63 4.85 -5.24
C GLU A 374 28.30 4.51 -5.87
N GLU A 375 28.31 4.24 -7.17
CA GLU A 375 27.07 3.94 -7.84
C GLU A 375 26.53 2.60 -7.40
N GLU A 376 27.37 1.64 -7.17
CA GLU A 376 26.86 0.28 -6.76
C GLU A 376 26.35 0.35 -5.33
N LEU A 377 27.05 1.09 -4.49
CA LEU A 377 26.59 1.35 -3.12
C LEU A 377 25.18 2.04 -3.09
N ALA A 378 25.01 3.03 -3.94
CA ALA A 378 23.68 3.68 -4.17
C ALA A 378 22.64 2.70 -4.67
N LYS A 379 22.98 1.91 -5.67
CA LYS A 379 22.04 0.96 -6.18
C LYS A 379 21.57 -0.08 -5.07
N SER A 380 22.44 -0.41 -4.13
CA SER A 380 22.16 -1.40 -3.10
C SER A 380 21.14 -0.77 -2.12
N LEU A 381 21.40 0.46 -1.69
CA LEU A 381 20.49 1.24 -0.86
C LEU A 381 19.14 1.39 -1.54
N GLU A 382 19.17 1.66 -2.86
CA GLU A 382 17.95 1.85 -3.60
C GLU A 382 17.17 0.59 -3.62
N PHE A 383 17.86 -0.55 -3.77
CA PHE A 383 17.13 -1.83 -3.70
C PHE A 383 16.46 -2.00 -2.29
N GLY A 384 17.16 -1.65 -1.25
CA GLY A 384 16.65 -1.74 0.10
C GLY A 384 15.36 -0.89 0.34
N THR A 385 15.38 0.36 -0.05
CA THR A 385 14.23 1.23 0.20
C THR A 385 13.07 0.87 -0.70
N THR A 386 13.38 0.35 -1.90
CA THR A 386 12.37 -0.14 -2.81
C THR A 386 11.65 -1.40 -2.26
N LEU A 387 12.44 -2.36 -1.80
CA LEU A 387 11.92 -3.57 -1.22
C LEU A 387 11.08 -3.25 -0.02
N ALA A 388 11.55 -2.34 0.82
CA ALA A 388 10.77 -1.94 2.00
C ALA A 388 9.45 -1.24 1.63
N ALA A 389 9.50 -0.37 0.66
CA ALA A 389 8.28 0.37 0.19
C ALA A 389 7.29 -0.63 -0.38
N ALA A 390 7.78 -1.65 -1.12
CA ALA A 390 6.94 -2.70 -1.61
C ALA A 390 6.20 -3.39 -0.46
N ARG A 391 6.93 -3.82 0.55
CA ARG A 391 6.38 -4.55 1.70
C ARG A 391 5.46 -3.68 2.51
N ALA A 392 5.78 -2.40 2.65
CA ALA A 392 4.91 -1.47 3.34
C ALA A 392 3.55 -1.25 2.63
N SER A 393 3.50 -1.48 1.32
CA SER A 393 2.32 -1.21 0.51
C SER A 393 1.47 -2.44 0.48
N LEU A 394 2.11 -3.57 0.24
CA LEU A 394 1.43 -4.84 0.11
C LEU A 394 1.24 -5.60 1.38
N GLY A 395 2.13 -5.39 2.34
CA GLY A 395 2.05 -6.17 3.57
C GLY A 395 2.76 -7.51 3.58
N ASP A 396 3.52 -7.83 2.54
CA ASP A 396 4.04 -9.19 2.43
C ASP A 396 4.70 -9.29 1.10
N ILE A 397 5.81 -9.99 0.99
CA ILE A 397 6.39 -10.27 -0.31
C ILE A 397 6.04 -11.70 -0.69
N ARG A 398 5.23 -11.87 -1.72
CA ARG A 398 4.79 -13.20 -2.15
C ARG A 398 5.64 -13.86 -3.18
N GLY A 399 6.25 -13.08 -4.03
CA GLY A 399 7.00 -13.56 -5.16
C GLY A 399 7.88 -12.40 -5.58
N PRO A 400 8.91 -12.67 -6.37
CA PRO A 400 9.84 -11.60 -6.78
C PRO A 400 9.25 -10.39 -7.51
N ASP A 401 8.16 -10.60 -8.27
CA ASP A 401 7.54 -9.47 -8.98
C ASP A 401 7.03 -8.42 -7.97
N ASP A 402 6.75 -8.82 -6.75
CA ASP A 402 6.23 -7.86 -5.81
C ASP A 402 7.21 -6.72 -5.53
N TYR A 403 8.53 -6.95 -5.68
CA TYR A 403 9.51 -5.88 -5.53
C TYR A 403 9.12 -4.70 -6.36
N LYS A 404 8.56 -4.96 -7.52
CA LYS A 404 8.23 -3.89 -8.51
C LYS A 404 7.16 -2.91 -8.00
N VAL A 405 6.37 -3.35 -7.08
CA VAL A 405 5.39 -2.48 -6.48
C VAL A 405 6.07 -1.31 -5.74
N GLY A 406 7.24 -1.57 -5.19
CA GLY A 406 7.99 -0.50 -4.59
C GLY A 406 8.41 0.61 -5.54
N LEU A 407 8.71 0.29 -6.79
CA LEU A 407 8.95 1.31 -7.81
C LEU A 407 7.83 2.31 -8.03
N LYS A 408 6.62 2.01 -7.57
CA LYS A 408 5.48 2.90 -7.69
C LYS A 408 5.49 3.94 -6.57
N VAL A 409 6.38 3.79 -5.56
CA VAL A 409 6.41 4.72 -4.45
C VAL A 409 7.55 5.67 -4.75
N PRO A 410 7.30 6.98 -4.91
CA PRO A 410 8.35 7.89 -5.36
C PRO A 410 9.36 8.16 -4.26
N PHE A 411 10.52 8.65 -4.65
CA PHE A 411 11.39 9.26 -3.67
C PHE A 411 10.73 10.45 -2.98
N ASN A 412 10.91 10.54 -1.68
CA ASN A 412 10.16 11.45 -0.86
C ASN A 412 10.32 12.96 -1.27
N GLU A 413 9.50 13.81 -0.70
CA GLU A 413 9.45 15.19 -1.11
C GLU A 413 10.62 16.00 -0.57
N ARG A 414 11.28 15.49 0.50
CA ARG A 414 12.52 16.05 0.94
C ARG A 414 13.78 15.69 0.10
N SER A 415 13.67 15.00 -1.02
CA SER A 415 14.91 14.51 -1.69
C SER A 415 15.93 15.60 -2.09
N GLU A 416 15.44 16.65 -2.68
CA GLU A 416 16.31 17.67 -3.18
C GLU A 416 16.96 18.36 -2.03
N TYR A 417 16.24 18.51 -0.89
CA TYR A 417 16.83 19.13 0.27
C TYR A 417 17.89 18.18 0.89
N VAL A 418 17.59 16.88 0.93
CA VAL A 418 18.58 15.88 1.36
C VAL A 418 19.88 15.99 0.56
N LYS A 419 19.72 16.09 -0.75
CA LYS A 419 20.86 16.21 -1.64
C LYS A 419 21.65 17.51 -1.41
N LEU A 420 20.96 18.60 -1.19
CA LEU A 420 21.63 19.84 -0.94
C LEU A 420 22.37 19.75 0.37
N ARG A 421 21.74 19.24 1.44
CA ARG A 421 22.37 19.17 2.70
C ARG A 421 23.58 18.19 2.68
N PHE A 422 23.49 17.12 1.90
CA PHE A 422 24.64 16.22 1.77
C PHE A 422 25.85 16.95 1.22
N GLU A 423 25.65 17.70 0.14
CA GLU A 423 26.78 18.53 -0.38
C GLU A 423 27.35 19.47 0.67
N GLU A 424 26.49 20.20 1.42
CA GLU A 424 26.96 21.10 2.48
C GLU A 424 27.73 20.33 3.56
N ALA A 425 27.25 19.14 3.93
CA ALA A 425 27.91 18.28 4.89
C ALA A 425 29.31 17.83 4.44
N LYS A 426 29.45 17.39 3.21
CA LYS A 426 30.77 17.03 2.63
C LYS A 426 31.83 18.20 2.72
N SER A 427 31.36 19.42 2.49
CA SER A 427 32.13 20.67 2.68
C SER A 427 32.61 20.86 4.11
N ARG A 428 31.78 20.53 5.08
CA ARG A 428 32.13 20.73 6.49
C ARG A 428 32.95 19.63 7.10
N LEU A 429 32.75 18.38 6.63
CA LEU A 429 33.29 17.17 7.29
C LEU A 429 34.37 16.50 6.46
N ARG A 430 35.29 15.79 7.11
CA ARG A 430 36.35 15.05 6.37
C ARG A 430 35.88 13.75 5.68
N ARG A 432 38.31 11.52 3.91
CA ARG A 432 39.54 10.97 3.41
C ARG A 432 39.47 9.44 3.49
N GLU A 433 39.46 8.92 4.72
CA GLU A 433 39.45 7.49 4.93
C GLU A 433 38.11 6.79 4.59
N TYR A 434 37.02 7.52 4.20
CA TYR A 434 35.63 6.91 4.12
C TYR A 434 34.88 7.16 2.82
N LYS A 435 34.21 6.16 2.23
CA LYS A 435 33.23 6.46 1.17
C LYS A 435 31.84 6.60 1.89
N VAL A 436 31.13 7.69 1.57
CA VAL A 436 29.82 8.00 2.15
C VAL A 436 28.86 8.23 1.00
N VAL A 437 27.78 7.44 1.02
CA VAL A 437 26.79 7.41 -0.01
C VAL A 437 25.45 7.60 0.66
N VAL A 438 24.65 8.56 0.13
CA VAL A 438 23.35 8.91 0.67
C VAL A 438 22.33 8.97 -0.42
N ILE A 439 21.24 8.23 -0.27
CA ILE A 439 20.09 8.40 -1.12
C ILE A 439 18.82 8.76 -0.31
N PRO A 440 17.88 9.39 -0.96
CA PRO A 440 16.54 9.55 -0.36
C PRO A 440 15.72 8.23 -0.29
N THR A 441 14.83 8.10 0.71
CA THR A 441 13.95 6.89 0.80
C THR A 441 12.69 7.02 -0.08
N ARG A 442 12.17 5.90 -0.51
CA ARG A 442 10.77 5.82 -1.03
C ARG A 442 9.85 5.72 0.18
N LEU A 443 9.52 6.86 0.74
CA LEU A 443 8.72 6.97 1.93
C LEU A 443 7.26 6.63 1.60
N VAL A 444 6.74 5.68 2.36
CA VAL A 444 5.32 5.36 2.48
C VAL A 444 4.74 5.95 3.79
N GLN A 445 4.02 7.08 3.66
CA GLN A 445 3.33 7.78 4.79
C GLN A 445 2.72 6.86 5.83
N ASN A 446 1.70 6.15 5.41
CA ASN A 446 0.86 5.44 6.37
C ASN A 446 0.59 4.04 5.81
N PRO A 447 1.53 3.13 6.05
CA PRO A 447 1.55 1.80 5.42
C PRO A 447 0.66 0.70 6.04
N VAL A 448 0.27 -0.27 5.21
CA VAL A 448 -0.43 -1.47 5.70
C VAL A 448 0.35 -2.19 6.83
N LEU A 449 1.70 -2.15 6.77
CA LEU A 449 2.62 -2.85 7.70
C LEU A 449 3.72 -1.88 8.25
N THR A 450 3.79 -1.66 9.57
CA THR A 450 4.87 -0.81 10.13
C THR A 450 6.06 -1.69 10.61
N VAL A 451 5.69 -2.80 11.20
CA VAL A 451 6.67 -3.63 11.87
C VAL A 451 7.70 -4.18 10.89
N GLY A 452 8.96 -3.97 11.22
CA GLY A 452 10.07 -4.54 10.48
C GLY A 452 10.44 -3.92 9.16
N LEU A 453 10.16 -2.61 8.94
CA LEU A 453 10.55 -1.96 7.66
C LEU A 453 12.09 -1.78 7.59
N GLY A 454 12.69 -1.33 8.67
CA GLY A 454 14.14 -1.27 8.82
C GLY A 454 14.83 -2.60 8.49
N ASP A 455 14.31 -3.69 9.00
CA ASP A 455 14.85 -5.00 8.73
C ASP A 455 14.75 -5.35 7.27
N THR A 456 13.66 -4.95 6.63
CA THR A 456 13.48 -5.29 5.24
C THR A 456 14.43 -4.44 4.39
N ILE A 457 14.68 -3.18 4.79
CA ILE A 457 15.66 -2.31 4.09
C ILE A 457 17.03 -3.02 4.13
N SER A 458 17.42 -3.45 5.33
CA SER A 458 18.75 -4.07 5.51
C SER A 458 18.90 -5.39 4.74
N ALA A 459 17.87 -6.22 4.73
CA ALA A 459 17.88 -7.42 3.97
C ALA A 459 18.13 -7.18 2.46
N GLY A 460 17.48 -6.19 1.89
CA GLY A 460 17.64 -5.86 0.48
C GLY A 460 18.98 -5.23 0.23
N ALA A 461 19.39 -4.33 1.10
CA ALA A 461 20.68 -3.69 0.94
C ALA A 461 21.81 -4.66 1.02
N PHE A 462 21.74 -5.57 1.96
CA PHE A 462 22.81 -6.54 2.14
C PHE A 462 22.85 -7.59 1.04
N LEU A 463 21.69 -8.04 0.61
CA LEU A 463 21.54 -8.98 -0.52
C LEU A 463 22.25 -8.50 -1.76
N THR A 464 21.97 -7.26 -2.17
CA THR A 464 22.62 -6.63 -3.32
C THR A 464 24.08 -6.28 -3.07
N TYR A 465 24.42 -5.89 -1.85
CA TYR A 465 25.84 -5.67 -1.47
C TYR A 465 26.59 -7.04 -1.76
N LEU A 466 26.06 -8.16 -1.33
CA LEU A 466 26.70 -9.47 -1.67
C LEU A 466 26.85 -9.73 -3.19
N GLU A 467 25.79 -9.45 -3.94
CA GLU A 467 25.74 -9.59 -5.38
C GLU A 467 26.88 -8.75 -5.96
N PHE A 468 27.02 -7.48 -5.55
CA PHE A 468 28.10 -6.67 -6.14
C PHE A 468 29.50 -7.15 -5.77
N LEU A 469 29.68 -7.60 -4.53
CA LEU A 469 30.96 -8.12 -4.12
C LEU A 469 31.37 -9.35 -4.91
N LYS A 470 30.44 -10.30 -5.01
CA LYS A 470 30.60 -11.53 -5.78
C LYS A 470 31.02 -11.15 -7.21
N ARG A 471 30.32 -10.22 -7.85
CA ARG A 471 30.78 -9.73 -9.16
C ARG A 471 32.18 -9.12 -9.19
N HIS A 472 32.63 -8.61 -8.06
CA HIS A 472 33.94 -8.01 -8.00
C HIS A 472 34.98 -9.08 -7.63
N ILE B 24 -13.74 -15.97 -6.73
CA ILE B 24 -13.98 -15.16 -7.96
C ILE B 24 -14.92 -15.84 -8.93
N PRO B 25 -16.01 -15.20 -9.35
CA PRO B 25 -16.91 -15.84 -10.32
C PRO B 25 -16.37 -15.88 -11.76
N GLU B 26 -15.40 -16.76 -12.00
CA GLU B 26 -14.65 -16.79 -13.25
C GLU B 26 -15.46 -17.23 -14.49
N HIS B 27 -16.61 -17.81 -14.26
CA HIS B 27 -17.52 -18.24 -15.34
C HIS B 27 -18.35 -17.12 -16.07
N LEU B 28 -18.32 -15.88 -15.59
CA LEU B 28 -19.05 -14.77 -16.17
C LEU B 28 -18.29 -14.08 -17.27
N SER B 29 -19.08 -13.37 -18.06
CA SER B 29 -18.58 -12.70 -19.19
C SER B 29 -19.11 -11.22 -19.19
N ILE B 30 -18.25 -10.27 -19.53
CA ILE B 30 -18.54 -8.85 -19.34
C ILE B 30 -18.09 -8.05 -20.57
N TYR B 31 -18.97 -7.19 -21.02
CA TYR B 31 -18.64 -6.14 -22.01
C TYR B 31 -18.49 -4.82 -21.30
N THR B 32 -17.47 -4.05 -21.65
CA THR B 32 -17.36 -2.71 -21.07
C THR B 32 -17.29 -1.69 -22.17
N ALA B 33 -17.86 -0.50 -22.00
CA ALA B 33 -17.71 0.57 -22.99
C ALA B 33 -17.98 1.86 -22.24
N TYR B 34 -17.57 3.05 -22.66
CA TYR B 34 -17.07 3.47 -23.93
C TYR B 34 -15.68 4.17 -23.80
N ASN B 35 -15.23 4.41 -22.56
CA ASN B 35 -14.17 5.37 -22.29
C ASN B 35 -12.86 4.70 -21.89
N ALA B 36 -11.92 4.75 -22.84
CA ALA B 36 -10.57 4.32 -22.61
C ALA B 36 -9.63 5.36 -23.19
N ASN B 37 -8.49 5.55 -22.53
CA ASN B 37 -7.55 6.50 -23.01
C ASN B 37 -6.13 6.20 -22.50
N ILE B 38 -5.17 7.02 -22.95
CA ILE B 38 -3.79 6.93 -22.50
C ILE B 38 -3.57 7.96 -21.39
N ASP B 39 -3.06 7.54 -20.23
CA ASP B 39 -2.59 8.46 -19.24
C ASP B 39 -1.06 8.44 -19.36
N ALA B 40 -0.46 9.57 -19.76
CA ALA B 40 0.98 9.67 -19.96
C ALA B 40 1.58 10.52 -18.89
N ILE B 41 2.59 9.99 -18.19
CA ILE B 41 3.29 10.71 -17.16
C ILE B 41 4.61 11.27 -17.63
N VAL B 42 4.84 12.54 -17.34
CA VAL B 42 6.10 13.18 -17.67
C VAL B 42 6.71 13.65 -16.37
N LYS B 43 8.01 13.37 -16.22
CA LYS B 43 8.76 13.89 -15.09
C LYS B 43 9.45 15.19 -15.50
N LEU B 44 9.02 16.25 -14.86
CA LEU B 44 9.65 17.53 -14.99
C LEU B 44 10.87 17.72 -14.13
N ASN B 45 12.00 17.15 -14.53
CA ASN B 45 13.29 17.50 -13.93
C ASN B 45 13.81 18.86 -14.43
N GLN B 46 14.88 19.34 -13.84
CA GLN B 46 15.38 20.70 -14.15
C GLN B 46 15.69 20.88 -15.64
N GLU B 47 16.35 19.92 -16.25
CA GLU B 47 16.71 20.00 -17.67
C GLU B 47 15.42 20.13 -18.58
N THR B 48 14.38 19.36 -18.29
CA THR B 48 13.17 19.38 -19.04
C THR B 48 12.43 20.65 -18.86
N ILE B 49 12.34 21.12 -17.64
CA ILE B 49 11.73 22.42 -17.42
C ILE B 49 12.52 23.54 -18.14
N GLN B 50 13.84 23.56 -18.01
CA GLN B 50 14.57 24.70 -18.57
C GLN B 50 14.50 24.67 -20.08
N ASN B 51 14.69 23.48 -20.70
CA ASN B 51 14.57 23.34 -22.16
C ASN B 51 13.19 23.75 -22.69
N LEU B 52 12.14 23.43 -21.93
CA LEU B 52 10.84 23.85 -22.33
C LEU B 52 10.79 25.39 -22.35
N ILE B 53 11.11 26.00 -21.23
CA ILE B 53 10.99 27.46 -21.03
C ILE B 53 11.93 28.26 -22.00
N ASN B 54 13.09 27.70 -22.30
CA ASN B 54 14.12 28.36 -23.14
C ASN B 54 13.54 28.62 -24.54
N ALA B 55 12.55 27.82 -24.98
CA ALA B 55 11.96 28.03 -26.29
C ALA B 55 11.15 29.33 -26.39
N PHE B 56 10.64 29.88 -25.29
CA PHE B 56 9.69 30.98 -25.38
C PHE B 56 10.35 32.26 -24.97
N ASP B 57 9.87 33.38 -25.49
CA ASP B 57 10.27 34.68 -24.99
C ASP B 57 9.74 34.90 -23.54
N PRO B 58 10.61 35.19 -22.57
CA PRO B 58 10.20 35.39 -21.18
C PRO B 58 9.08 36.37 -20.89
N ASP B 59 9.17 37.54 -21.50
CA ASP B 59 8.13 38.54 -21.37
C ASP B 59 6.81 38.08 -21.93
N GLU B 60 6.86 37.35 -23.03
CA GLU B 60 5.68 36.71 -23.63
C GLU B 60 5.11 35.66 -22.70
N VAL B 61 5.96 34.90 -22.06
CA VAL B 61 5.50 33.96 -21.03
C VAL B 61 4.83 34.72 -19.83
N LYS B 62 5.53 35.71 -19.28
CA LYS B 62 5.00 36.54 -18.19
C LYS B 62 3.63 37.20 -18.54
N ARG B 63 3.48 37.76 -19.75
CA ARG B 63 2.24 38.41 -20.10
C ARG B 63 1.13 37.38 -20.20
N ARG B 64 1.49 36.24 -20.74
CA ARG B 64 0.52 35.19 -20.87
C ARG B 64 0.05 34.67 -19.50
N ILE B 65 0.93 34.59 -18.52
CA ILE B 65 0.53 34.26 -17.15
C ILE B 65 -0.50 35.30 -16.65
N GLU B 66 -0.31 36.57 -16.97
CA GLU B 66 -1.26 37.61 -16.52
C GLU B 66 -2.62 37.40 -17.11
N GLU B 67 -2.70 37.09 -18.39
CA GLU B 67 -4.01 36.87 -19.00
C GLU B 67 -4.71 35.61 -18.43
N TYR B 68 -3.92 34.69 -17.88
CA TYR B 68 -4.44 33.46 -17.25
C TYR B 68 -5.32 32.62 -18.18
N PRO B 69 -4.75 31.94 -19.18
CA PRO B 69 -5.59 31.12 -20.08
C PRO B 69 -6.28 29.98 -19.33
N ARG B 70 -7.53 29.67 -19.59
CA ARG B 70 -8.19 28.59 -18.85
C ARG B 70 -8.30 27.29 -19.66
N GLU B 71 -7.88 27.31 -20.91
CA GLU B 71 -7.75 26.12 -21.71
C GLU B 71 -6.48 26.29 -22.49
N ILE B 72 -5.99 25.21 -22.99
CA ILE B 72 -4.73 25.19 -23.73
C ILE B 72 -5.10 24.99 -25.16
N ASN B 73 -4.86 26.04 -25.93
CA ASN B 73 -5.07 26.08 -27.39
C ASN B 73 -3.77 26.05 -28.14
N GLU B 74 -2.71 26.63 -27.56
CA GLU B 74 -1.37 26.78 -28.14
C GLU B 74 -0.26 26.52 -27.10
N PRO B 75 0.96 26.25 -27.55
CA PRO B 75 2.04 25.95 -26.60
C PRO B 75 2.22 26.96 -25.48
N ILE B 76 2.14 28.25 -25.81
CA ILE B 76 2.36 29.28 -24.78
C ILE B 76 1.28 29.25 -23.67
N ASP B 77 0.08 28.82 -23.99
CA ASP B 77 -0.92 28.66 -22.96
C ASP B 77 -0.41 27.63 -21.95
N PHE B 78 0.15 26.54 -22.47
CA PHE B 78 0.68 25.45 -21.61
C PHE B 78 1.87 25.90 -20.80
N VAL B 79 2.85 26.59 -21.39
CA VAL B 79 4.02 26.98 -20.63
C VAL B 79 3.66 27.98 -19.52
N ALA B 80 2.69 28.83 -19.81
CA ALA B 80 2.36 29.90 -18.93
C ALA B 80 1.67 29.31 -17.72
N ARG B 81 0.71 28.42 -17.96
CA ARG B 81 -0.03 27.85 -16.87
C ARG B 81 0.84 26.92 -16.06
N LEU B 82 1.74 26.21 -16.73
CA LEU B 82 2.67 25.37 -16.02
C LEU B 82 3.58 26.14 -15.12
N VAL B 83 4.22 27.18 -15.65
CA VAL B 83 5.18 27.98 -14.90
C VAL B 83 4.49 28.63 -13.66
N HIS B 84 3.25 29.08 -13.83
CA HIS B 84 2.46 29.67 -12.73
C HIS B 84 2.29 28.60 -11.61
N THR B 85 1.87 27.40 -11.99
CA THR B 85 1.77 26.21 -11.12
C THR B 85 3.08 25.91 -10.42
N LEU B 86 4.21 25.99 -11.15
CA LEU B 86 5.50 25.57 -10.63
C LEU B 86 5.96 26.53 -9.55
N LYS B 87 5.70 27.80 -9.79
CA LYS B 87 6.12 28.84 -8.88
C LYS B 87 5.31 28.69 -7.56
N LEU B 88 4.07 28.31 -7.68
CA LEU B 88 3.22 28.31 -6.52
C LEU B 88 3.23 26.93 -5.88
N GLY B 89 3.78 25.96 -6.61
CA GLY B 89 3.73 24.54 -6.27
C GLY B 89 2.34 24.11 -5.93
N LYS B 90 1.37 24.62 -6.68
CA LYS B 90 0.03 24.16 -6.54
C LYS B 90 -0.37 23.25 -7.70
N PRO B 91 -1.09 22.20 -7.38
CA PRO B 91 -1.66 21.32 -8.40
C PRO B 91 -2.77 21.99 -9.22
N ALA B 92 -2.90 21.55 -10.46
CA ALA B 92 -3.85 22.14 -11.40
C ALA B 92 -4.14 21.15 -12.51
N ALA B 93 -5.35 21.29 -13.06
CA ALA B 93 -5.80 20.53 -14.23
C ALA B 93 -6.37 21.57 -15.18
N VAL B 94 -5.84 21.55 -16.42
CA VAL B 94 -6.21 22.51 -17.46
C VAL B 94 -6.55 21.68 -18.73
N PRO B 95 -7.69 21.89 -19.33
CA PRO B 95 -8.06 21.07 -20.50
C PRO B 95 -7.31 21.53 -21.78
N LEU B 96 -6.94 20.56 -22.62
CA LEU B 96 -6.43 20.78 -23.97
C LEU B 96 -7.58 20.76 -24.93
N VAL B 97 -7.73 21.80 -25.72
CA VAL B 97 -8.92 21.91 -26.62
C VAL B 97 -8.56 21.99 -28.09
N ASN B 98 -7.31 21.62 -28.34
CA ASN B 98 -6.72 21.59 -29.62
C ASN B 98 -5.98 20.26 -29.89
N GLU B 99 -6.64 19.39 -30.66
CA GLU B 99 -6.12 18.09 -31.06
C GLU B 99 -4.67 18.10 -31.62
N LYS B 100 -4.38 19.15 -32.37
CA LYS B 100 -3.07 19.29 -33.02
C LYS B 100 -1.91 19.37 -32.03
N ASN B 102 -1.42 17.33 -29.72
CA ASN B 102 -0.89 16.01 -29.37
C ASN B 102 0.56 15.86 -29.86
N GLU B 103 0.77 16.26 -31.11
CA GLU B 103 2.06 16.13 -31.78
C GLU B 103 3.10 16.99 -31.10
N TRP B 104 2.70 18.22 -30.71
CA TRP B 104 3.63 19.16 -30.10
C TRP B 104 4.13 18.53 -28.75
N PHE B 105 3.20 18.10 -27.92
CA PHE B 105 3.59 17.41 -26.65
C PHE B 105 4.46 16.19 -26.87
N ASP B 106 4.15 15.30 -27.80
CA ASP B 106 4.98 14.07 -27.97
C ASP B 106 6.40 14.35 -28.50
N LYS B 107 6.49 15.29 -29.42
CA LYS B 107 7.80 15.70 -29.92
C LYS B 107 8.54 16.42 -28.76
N THR B 108 7.84 17.18 -27.91
CA THR B 108 8.55 17.96 -26.89
C THR B 108 9.04 17.15 -25.70
N PHE B 109 8.28 16.12 -25.30
CA PHE B 109 8.54 15.41 -24.02
C PHE B 109 8.75 13.93 -24.25
N ARG B 110 9.52 13.29 -23.38
CA ARG B 110 9.52 11.85 -23.25
C ARG B 110 8.66 11.49 -22.06
N TYR B 111 7.90 10.39 -22.20
CA TYR B 111 7.07 9.91 -21.14
C TYR B 111 7.76 8.85 -20.24
N GLU B 112 7.77 9.10 -18.95
CA GLU B 112 8.18 8.10 -17.96
C GLU B 112 7.38 6.75 -18.01
N GLU B 113 6.15 6.86 -18.42
CA GLU B 113 5.25 5.71 -18.51
C GLU B 113 3.97 6.19 -19.26
N GLU B 114 3.34 5.21 -19.90
CA GLU B 114 2.04 5.39 -20.44
C GLU B 114 1.27 4.22 -19.86
N ARG B 115 0.12 4.50 -19.25
CA ARG B 115 -0.77 3.43 -18.84
C ARG B 115 -2.20 3.70 -19.26
N LEU B 116 -2.96 2.64 -19.27
CA LEU B 116 -4.37 2.70 -19.65
C LEU B 116 -5.13 3.51 -18.67
N GLY B 117 -5.95 4.46 -19.14
CA GLY B 117 -6.93 5.16 -18.34
C GLY B 117 -8.34 5.07 -18.92
N GLY B 118 -9.28 5.82 -18.35
CA GLY B 118 -10.69 5.80 -18.79
C GLY B 118 -11.37 4.69 -18.02
N GLN B 119 -12.59 4.89 -17.55
CA GLN B 119 -13.28 3.87 -16.71
C GLN B 119 -13.45 2.51 -17.37
N ALA B 120 -13.94 2.51 -18.58
CA ALA B 120 -14.16 1.22 -19.27
C ALA B 120 -12.83 0.47 -19.48
N GLY B 121 -11.74 1.21 -19.78
CA GLY B 121 -10.40 0.61 -19.89
C GLY B 121 -9.90 -0.02 -18.61
N ILE B 122 -9.92 0.76 -17.52
CA ILE B 122 -9.51 0.35 -16.19
C ILE B 122 -10.36 -0.86 -15.75
N ILE B 123 -11.63 -0.82 -16.08
CA ILE B 123 -12.52 -1.88 -15.60
C ILE B 123 -12.19 -3.14 -16.43
N ALA B 124 -11.96 -2.98 -17.74
CA ALA B 124 -11.56 -4.12 -18.55
C ALA B 124 -10.20 -4.75 -18.09
N ASN B 125 -9.21 -3.97 -17.75
CA ASN B 125 -7.95 -4.56 -17.31
C ASN B 125 -8.09 -5.27 -16.01
N THR B 126 -8.90 -4.74 -15.12
CA THR B 126 -9.13 -5.39 -13.86
C THR B 126 -9.81 -6.75 -13.96
N LEU B 127 -10.87 -6.82 -14.74
CA LEU B 127 -11.57 -8.08 -14.92
C LEU B 127 -10.71 -9.07 -15.72
N ALA B 128 -9.86 -8.59 -16.61
CA ALA B 128 -8.93 -9.48 -17.27
C ALA B 128 -7.85 -9.99 -16.33
N GLY B 129 -7.46 -9.21 -15.37
CA GLY B 129 -6.54 -9.69 -14.35
C GLY B 129 -7.19 -10.72 -13.42
N LEU B 130 -8.51 -10.69 -13.35
CA LEU B 130 -9.20 -11.73 -12.62
C LEU B 130 -9.41 -12.97 -13.47
N LYS B 131 -9.13 -12.92 -14.78
CA LYS B 131 -9.32 -14.09 -15.63
C LYS B 131 -10.77 -14.63 -15.61
N ILE B 132 -11.75 -13.72 -15.76
CA ILE B 132 -13.12 -14.19 -15.91
C ILE B 132 -13.20 -14.70 -17.32
N ARG B 133 -14.30 -15.32 -17.68
CA ARG B 133 -14.41 -16.03 -18.96
C ARG B 133 -14.20 -15.13 -20.19
N LYS B 134 -14.90 -13.98 -20.25
CA LYS B 134 -14.73 -13.03 -21.33
C LYS B 134 -14.71 -11.61 -20.77
N VAL B 135 -13.84 -10.82 -21.38
CA VAL B 135 -13.75 -9.41 -21.15
C VAL B 135 -13.64 -8.83 -22.53
N ILE B 136 -14.70 -8.21 -23.05
CA ILE B 136 -14.71 -7.51 -24.31
C ILE B 136 -14.88 -6.03 -23.99
N ALA B 137 -13.89 -5.21 -24.37
CA ALA B 137 -13.91 -3.76 -24.16
C ALA B 137 -14.27 -3.11 -25.51
N TYR B 138 -14.96 -2.00 -25.50
CA TYR B 138 -15.21 -1.16 -26.68
C TYR B 138 -14.93 0.32 -26.34
N THR B 139 -14.19 0.96 -27.25
CA THR B 139 -14.11 2.39 -27.41
C THR B 139 -14.17 2.64 -28.89
N PRO B 140 -14.82 3.74 -29.30
CA PRO B 140 -14.90 4.15 -30.70
C PRO B 140 -13.52 4.60 -31.29
N PHE B 141 -12.56 4.90 -30.41
CA PHE B 141 -11.23 5.39 -30.79
C PHE B 141 -10.14 4.48 -30.25
N LEU B 142 -9.53 3.70 -31.17
CA LEU B 142 -8.48 2.74 -30.80
C LEU B 142 -7.20 2.79 -31.68
N PRO B 143 -6.40 3.84 -31.56
CA PRO B 143 -5.06 3.85 -32.12
C PRO B 143 -4.23 2.78 -31.49
N LYS B 144 -3.22 2.31 -32.19
CA LYS B 144 -2.38 1.17 -31.69
C LYS B 144 -1.76 1.56 -30.36
N ARG B 145 -1.36 2.79 -30.21
CA ARG B 145 -0.74 3.24 -28.95
C ARG B 145 -1.63 3.01 -27.73
N LEU B 146 -2.95 3.17 -27.92
CA LEU B 146 -3.95 2.77 -26.90
C LEU B 146 -4.18 1.29 -26.77
N ALA B 147 -4.33 0.61 -27.89
CA ALA B 147 -4.66 -0.80 -27.84
C ALA B 147 -3.63 -1.63 -27.09
N GLU B 148 -2.36 -1.25 -27.21
CA GLU B 148 -1.28 -2.06 -26.62
C GLU B 148 -1.18 -1.81 -25.09
N LEU B 149 -1.94 -0.87 -24.57
CA LEU B 149 -1.96 -0.63 -23.11
C LEU B 149 -2.94 -1.53 -22.35
N PHE B 150 -3.77 -2.27 -23.08
CA PHE B 150 -4.71 -3.17 -22.49
C PHE B 150 -4.02 -4.48 -22.11
N LYS B 151 -4.52 -5.14 -21.05
CA LYS B 151 -4.01 -6.44 -20.68
C LYS B 151 -4.28 -7.51 -21.70
N LYS B 152 -3.41 -8.52 -21.76
CA LYS B 152 -3.69 -9.72 -22.54
C LYS B 152 -4.97 -10.34 -22.00
N GLY B 153 -5.83 -10.79 -22.90
CA GLY B 153 -7.08 -11.37 -22.47
C GLY B 153 -8.25 -10.42 -22.82
N VAL B 154 -8.02 -9.14 -22.77
CA VAL B 154 -9.04 -8.20 -23.27
C VAL B 154 -9.33 -8.33 -24.82
N LEU B 155 -10.57 -8.53 -25.20
CA LEU B 155 -10.97 -8.60 -26.63
C LEU B 155 -11.75 -7.35 -27.12
N TYR B 156 -11.81 -7.13 -28.43
CA TYR B 156 -12.49 -5.99 -29.04
C TYR B 156 -13.31 -6.54 -30.25
N PRO B 157 -14.54 -6.06 -30.44
CA PRO B 157 -15.40 -6.54 -31.51
C PRO B 157 -14.96 -5.98 -32.81
N VAL B 158 -14.86 -6.82 -33.84
CA VAL B 158 -14.49 -6.32 -35.18
C VAL B 158 -15.41 -7.01 -36.19
N VAL B 159 -15.56 -6.35 -37.31
CA VAL B 159 -16.18 -6.95 -38.44
C VAL B 159 -15.13 -7.46 -39.40
N GLU B 160 -15.20 -8.74 -39.71
CA GLU B 160 -14.23 -9.35 -40.63
C GLU B 160 -15.08 -10.23 -41.52
N ASN B 161 -15.12 -9.88 -42.80
CA ASN B 161 -15.86 -10.64 -43.80
C ASN B 161 -17.34 -10.59 -43.48
N GLY B 162 -17.82 -9.44 -43.03
CA GLY B 162 -19.25 -9.28 -42.79
C GLY B 162 -19.78 -10.02 -41.54
N GLU B 163 -18.89 -10.44 -40.67
CA GLU B 163 -19.23 -11.22 -39.51
C GLU B 163 -18.54 -10.67 -38.27
N LEU B 164 -19.19 -10.79 -37.12
CA LEU B 164 -18.60 -10.47 -35.87
C LEU B 164 -17.46 -11.44 -35.45
N GLN B 165 -16.34 -10.90 -35.04
CA GLN B 165 -15.23 -11.61 -34.45
C GLN B 165 -14.81 -10.81 -33.24
N PHE B 166 -14.34 -11.48 -32.20
CA PHE B 166 -13.62 -10.87 -31.09
C PHE B 166 -12.11 -11.06 -31.25
N LYS B 167 -11.38 -9.99 -31.55
CA LYS B 167 -9.94 -10.03 -31.71
C LYS B 167 -9.27 -9.51 -30.45
N PRO B 168 -8.03 -9.94 -30.17
CA PRO B 168 -7.31 -9.44 -29.00
C PRO B 168 -7.23 -7.97 -29.17
N ILE B 169 -7.47 -7.16 -28.11
CA ILE B 169 -7.68 -5.73 -28.43
C ILE B 169 -6.39 -5.15 -29.05
N GLN B 170 -5.26 -5.75 -28.67
CA GLN B 170 -3.92 -5.21 -29.02
C GLN B 170 -3.74 -5.28 -30.53
N GLU B 171 -4.42 -6.22 -31.18
CA GLU B 171 -4.39 -6.40 -32.64
C GLU B 171 -5.50 -5.71 -33.45
N ALA B 172 -6.43 -5.03 -32.76
CA ALA B 172 -7.68 -4.56 -33.38
C ALA B 172 -7.63 -3.08 -33.72
N TYR B 173 -6.48 -2.44 -33.47
CA TYR B 173 -6.38 -0.99 -33.63
C TYR B 173 -6.62 -0.54 -35.06
N ARG B 174 -6.95 0.74 -35.18
CA ARG B 174 -7.12 1.40 -36.44
C ARG B 174 -6.19 2.61 -36.53
N GLU B 175 -5.28 2.60 -37.50
CA GLU B 175 -4.36 3.70 -37.72
C GLU B 175 -5.10 4.96 -37.99
N GLY B 176 -4.63 6.05 -37.40
CA GLY B 176 -5.26 7.34 -37.59
C GLY B 176 -6.51 7.64 -36.75
N ASP B 177 -6.98 6.68 -35.95
CA ASP B 177 -8.02 6.98 -34.94
C ASP B 177 -7.63 8.10 -34.01
N PRO B 178 -8.62 8.87 -33.63
CA PRO B 178 -8.41 9.93 -32.65
C PRO B 178 -7.67 9.40 -31.42
N LEU B 179 -6.77 10.18 -30.90
CA LEU B 179 -5.84 9.75 -29.90
C LEU B 179 -6.13 10.58 -28.65
N LYS B 180 -6.82 9.98 -27.69
CA LYS B 180 -7.14 10.62 -26.42
C LYS B 180 -6.05 10.40 -25.35
N ILE B 181 -5.20 11.39 -25.16
CA ILE B 181 -4.16 11.31 -24.15
C ILE B 181 -4.31 12.40 -23.12
N ASN B 182 -4.41 11.98 -21.87
CA ASN B 182 -4.27 12.84 -20.70
C ASN B 182 -2.83 12.79 -20.22
N ARG B 183 -2.25 13.95 -19.98
CA ARG B 183 -0.85 14.05 -19.65
C ARG B 183 -0.71 14.51 -18.21
N ILE B 184 0.12 13.83 -17.45
CA ILE B 184 0.31 14.20 -16.05
C ILE B 184 1.75 14.66 -15.89
N PHE B 185 1.96 15.92 -15.56
CA PHE B 185 3.31 16.47 -15.42
C PHE B 185 3.61 16.57 -13.94
N GLU B 186 4.58 15.76 -13.51
CA GLU B 186 4.96 15.66 -12.08
C GLU B 186 6.14 16.59 -11.82
N PHE B 187 5.98 17.40 -10.76
CA PHE B 187 6.99 18.38 -10.42
C PHE B 187 7.39 18.14 -8.98
N ARG B 188 8.66 18.41 -8.71
CA ARG B 188 9.28 18.00 -7.46
C ARG B 188 9.71 19.22 -6.66
N LYS B 189 9.34 19.29 -5.37
CA LYS B 189 9.81 20.33 -4.46
C LYS B 189 11.32 20.45 -4.52
N GLY B 190 11.78 21.67 -4.44
CA GLY B 190 13.23 21.97 -4.45
C GLY B 190 13.89 22.11 -5.85
N LEU B 191 13.23 21.72 -6.90
CA LEU B 191 13.84 21.93 -8.22
C LEU B 191 13.83 23.44 -8.56
N LYS B 192 14.89 23.91 -9.21
CA LYS B 192 15.00 25.33 -9.63
C LYS B 192 15.05 25.43 -11.16
N PHE B 193 14.63 26.57 -11.69
CA PHE B 193 14.74 26.86 -13.09
C PHE B 193 14.75 28.38 -13.25
N LYS B 194 15.02 28.88 -14.46
CA LYS B 194 14.90 30.32 -14.63
C LYS B 194 13.99 30.76 -15.75
N LEU B 195 13.20 31.77 -15.41
CA LEU B 195 12.32 32.46 -16.31
C LEU B 195 12.92 33.85 -16.54
N GLY B 196 13.68 33.95 -17.63
CA GLY B 196 14.42 35.17 -17.95
C GLY B 196 15.62 35.21 -17.03
N ASP B 197 15.57 36.15 -16.09
CA ASP B 197 16.61 36.24 -15.07
C ASP B 197 16.17 35.77 -13.67
N GLU B 198 14.84 35.69 -13.42
CA GLU B 198 14.28 35.19 -12.13
C GLU B 198 14.57 33.66 -11.91
N THR B 199 15.39 33.34 -10.90
CA THR B 199 15.49 31.96 -10.38
C THR B 199 14.18 31.68 -9.65
N ILE B 200 13.43 30.64 -10.07
CA ILE B 200 12.28 30.18 -9.31
C ILE B 200 12.61 28.81 -8.70
N GLU B 201 12.21 28.62 -7.44
CA GLU B 201 12.40 27.38 -6.71
C GLU B 201 11.01 26.88 -6.44
N ILE B 202 10.75 25.63 -6.88
CA ILE B 202 9.47 24.94 -6.63
C ILE B 202 9.31 24.62 -5.12
N PRO B 203 8.21 25.10 -4.52
CA PRO B 203 8.00 25.01 -3.08
C PRO B 203 7.37 23.75 -2.53
N ASN B 204 6.67 23.00 -3.38
CA ASN B 204 6.03 21.71 -3.06
C ASN B 204 5.98 20.85 -4.36
N SER B 205 5.92 19.52 -4.18
CA SER B 205 5.72 18.57 -5.24
C SER B 205 4.26 18.55 -5.55
N GLY B 206 3.94 18.22 -6.79
CA GLY B 206 2.56 18.05 -7.22
C GLY B 206 2.48 17.73 -8.68
N ARG B 207 1.28 17.88 -9.25
CA ARG B 207 1.01 17.45 -10.60
C ARG B 207 0.27 18.53 -11.35
N PHE B 208 0.67 18.67 -12.58
CA PHE B 208 -0.06 19.55 -13.51
C PHE B 208 -0.64 18.62 -14.56
N ILE B 209 -1.96 18.58 -14.67
CA ILE B 209 -2.60 17.66 -15.58
C ILE B 209 -3.25 18.38 -16.73
N VAL B 210 -3.01 17.86 -17.93
CA VAL B 210 -3.61 18.38 -19.13
C VAL B 210 -4.47 17.27 -19.70
N SER B 211 -5.78 17.40 -19.55
CA SER B 211 -6.73 16.43 -19.99
C SER B 211 -7.25 16.70 -21.41
N ALA B 212 -7.38 15.62 -22.16
CA ALA B 212 -7.91 15.69 -23.53
C ALA B 212 -9.36 16.10 -23.57
N ARG B 213 -9.63 17.29 -24.15
CA ARG B 213 -10.99 17.79 -24.26
C ARG B 213 -11.23 18.50 -25.64
N PHE B 214 -10.63 17.99 -26.71
CA PHE B 214 -10.97 18.43 -28.02
C PHE B 214 -12.10 17.58 -28.60
N GLU B 215 -12.63 18.03 -29.73
CA GLU B 215 -13.88 17.55 -30.23
C GLU B 215 -13.94 16.07 -30.65
N SER B 216 -12.91 15.63 -31.34
CA SER B 216 -12.92 14.34 -31.96
C SER B 216 -13.04 13.19 -30.96
N ILE B 217 -12.52 13.36 -29.75
CA ILE B 217 -12.59 12.31 -28.81
C ILE B 217 -13.84 12.46 -27.95
N SER B 218 -14.69 13.44 -28.26
CA SER B 218 -15.97 13.58 -27.56
C SER B 218 -17.20 13.04 -28.26
N ARG B 219 -17.03 12.37 -29.39
CA ARG B 219 -18.15 11.75 -30.08
C ARG B 219 -18.31 10.32 -29.56
N ILE B 220 -18.88 10.21 -28.35
CA ILE B 220 -19.01 8.95 -27.66
C ILE B 220 -20.19 8.12 -28.18
N GLU B 221 -19.84 6.99 -28.82
CA GLU B 221 -20.84 6.13 -29.43
C GLU B 221 -20.26 4.77 -29.83
N THR B 222 -21.14 3.82 -30.11
CA THR B 222 -20.80 2.67 -30.94
C THR B 222 -20.78 3.08 -32.39
N ARG B 223 -19.65 2.92 -33.03
CA ARG B 223 -19.56 3.32 -34.42
C ARG B 223 -20.42 2.44 -35.31
N GLU B 224 -20.71 2.95 -36.51
CA GLU B 224 -21.73 2.37 -37.36
C GLU B 224 -21.38 0.94 -37.85
N ASP B 225 -20.11 0.63 -38.01
CA ASP B 225 -19.69 -0.76 -38.35
C ASP B 225 -20.08 -1.83 -37.31
N ILE B 226 -19.86 -1.54 -36.03
CA ILE B 226 -20.23 -2.48 -34.96
C ILE B 226 -21.65 -2.44 -34.54
N LYS B 227 -22.30 -1.27 -34.67
CA LYS B 227 -23.69 -1.08 -34.22
C LYS B 227 -24.65 -2.21 -34.57
N PRO B 228 -24.71 -2.67 -35.82
CA PRO B 228 -25.62 -3.82 -36.13
C PRO B 228 -25.33 -5.14 -35.44
N PHE B 229 -24.13 -5.31 -34.88
CA PHE B 229 -23.75 -6.56 -34.24
C PHE B 229 -23.93 -6.56 -32.71
N LEU B 230 -24.56 -5.52 -32.13
CA LEU B 230 -24.53 -5.35 -30.69
C LEU B 230 -25.35 -6.40 -30.08
N GLY B 231 -26.43 -6.81 -30.70
CA GLY B 231 -27.20 -7.88 -30.09
C GLY B 231 -26.40 -9.22 -30.08
N GLU B 232 -25.63 -9.45 -31.12
CA GLU B 232 -24.82 -10.64 -31.23
C GLU B 232 -23.74 -10.62 -30.14
N ILE B 233 -23.23 -9.41 -29.81
CA ILE B 233 -22.32 -9.30 -28.67
C ILE B 233 -23.08 -9.64 -27.42
N GLY B 234 -24.26 -9.12 -27.29
CA GLY B 234 -25.05 -9.35 -26.08
C GLY B 234 -25.28 -10.78 -25.78
N LYS B 235 -25.44 -11.61 -26.84
CA LYS B 235 -25.64 -13.03 -26.62
C LYS B 235 -24.47 -13.67 -25.87
N GLU B 236 -23.30 -13.10 -26.02
CA GLU B 236 -22.07 -13.63 -25.45
C GLU B 236 -21.79 -13.26 -23.99
N VAL B 237 -22.53 -12.27 -23.41
CA VAL B 237 -22.17 -11.72 -22.10
C VAL B 237 -23.29 -11.83 -21.09
N ASP B 238 -22.91 -11.88 -19.83
CA ASP B 238 -23.88 -11.77 -18.79
C ASP B 238 -24.22 -10.33 -18.34
N GLY B 239 -23.23 -9.44 -18.40
CA GLY B 239 -23.40 -8.08 -17.91
C GLY B 239 -22.64 -7.18 -18.84
N ALA B 240 -23.03 -5.91 -18.84
CA ALA B 240 -22.33 -4.87 -19.60
C ALA B 240 -22.12 -3.71 -18.63
N ILE B 241 -20.93 -3.13 -18.63
CA ILE B 241 -20.66 -1.98 -17.78
C ILE B 241 -20.45 -0.79 -18.72
N PHE B 242 -21.33 0.24 -18.63
CA PHE B 242 -21.28 1.43 -19.50
C PHE B 242 -20.90 2.70 -18.73
N SER B 243 -20.00 3.52 -19.34
CA SER B 243 -19.54 4.74 -18.75
C SER B 243 -18.95 5.62 -19.84
N GLY B 244 -18.58 6.84 -19.47
CA GLY B 244 -17.97 7.76 -20.40
C GLY B 244 -18.92 8.74 -20.95
N TYR B 245 -20.16 8.72 -20.50
CA TYR B 245 -21.13 9.72 -20.97
C TYR B 245 -20.71 11.19 -20.69
N GLN B 246 -20.00 11.39 -19.57
CA GLN B 246 -19.39 12.68 -19.20
C GLN B 246 -18.49 13.30 -20.27
N GLY B 247 -18.00 12.48 -21.18
CA GLY B 247 -17.16 12.98 -22.22
C GLY B 247 -17.95 13.66 -23.34
N LEU B 248 -19.27 13.58 -23.35
CA LEU B 248 -20.00 14.20 -24.45
C LEU B 248 -19.91 15.75 -24.39
N ARG B 249 -20.24 16.41 -25.48
CA ARG B 249 -20.28 17.89 -25.49
C ARG B 249 -21.65 18.30 -25.71
N THR B 250 -22.01 19.51 -25.30
CA THR B 250 -23.32 20.14 -25.69
C THR B 250 -23.63 20.12 -27.15
N LYS B 251 -22.70 20.71 -27.89
CA LYS B 251 -22.87 20.95 -29.36
C LYS B 251 -21.60 20.53 -30.05
N TYR B 252 -21.76 20.02 -31.25
CA TYR B 252 -20.67 19.61 -32.13
C TYR B 252 -20.62 20.46 -33.46
N SER B 253 -19.44 20.64 -34.05
CA SER B 253 -19.19 21.10 -35.44
C SER B 253 -20.12 20.66 -36.56
N ASP B 254 -20.34 19.39 -36.69
CA ASP B 254 -21.15 18.92 -37.79
C ASP B 254 -22.63 19.03 -37.51
N GLY B 255 -23.00 19.84 -36.54
CA GLY B 255 -24.40 20.06 -36.21
C GLY B 255 -25.02 19.13 -35.15
N LYS B 256 -24.37 17.99 -34.90
CA LYS B 256 -24.87 17.08 -33.85
C LYS B 256 -24.87 17.71 -32.43
N ASP B 257 -25.54 17.09 -31.48
CA ASP B 257 -25.51 17.60 -30.14
C ASP B 257 -25.50 16.41 -29.17
N ALA B 258 -25.49 16.72 -27.87
CA ALA B 258 -25.50 15.66 -26.86
C ALA B 258 -26.69 14.72 -27.05
N ASN B 259 -27.86 15.25 -27.33
CA ASN B 259 -29.05 14.41 -27.54
C ASN B 259 -28.92 13.39 -28.67
N TYR B 260 -28.26 13.77 -29.77
CA TYR B 260 -28.01 12.83 -30.87
C TYR B 260 -27.22 11.66 -30.38
N TYR B 261 -26.10 11.91 -29.67
CA TYR B 261 -25.36 10.79 -29.10
C TYR B 261 -26.10 10.00 -28.02
N LEU B 262 -26.98 10.64 -27.25
CA LEU B 262 -27.72 9.93 -26.22
C LEU B 262 -28.85 9.05 -26.85
N ARG B 263 -29.41 9.44 -28.00
CA ARG B 263 -30.32 8.56 -28.65
C ARG B 263 -29.59 7.29 -29.13
N ARG B 264 -28.32 7.44 -29.54
CA ARG B 264 -27.53 6.24 -29.99
C ARG B 264 -27.20 5.39 -28.77
N ALA B 265 -27.01 6.07 -27.61
CA ALA B 265 -26.75 5.34 -26.35
C ALA B 265 -27.92 4.51 -25.89
N LYS B 266 -29.14 5.04 -26.02
CA LYS B 266 -30.39 4.31 -25.75
C LYS B 266 -30.61 3.09 -26.69
N GLU B 267 -30.28 3.21 -27.98
CA GLU B 267 -30.34 2.04 -28.90
C GLU B 267 -29.36 0.94 -28.41
N ASP B 268 -28.18 1.32 -27.92
CA ASP B 268 -27.17 0.37 -27.47
C ASP B 268 -27.71 -0.42 -26.30
N ILE B 269 -28.35 0.26 -25.37
CA ILE B 269 -28.90 -0.32 -24.21
C ILE B 269 -30.01 -1.32 -24.55
N ILE B 270 -30.91 -0.90 -25.45
CA ILE B 270 -31.99 -1.74 -25.94
C ILE B 270 -31.46 -3.06 -26.50
N GLU B 271 -30.43 -2.98 -27.30
CA GLU B 271 -29.87 -4.20 -27.92
C GLU B 271 -29.35 -5.17 -26.84
N PHE B 272 -28.63 -4.66 -25.81
CA PHE B 272 -28.11 -5.51 -24.72
C PHE B 272 -29.19 -6.02 -23.83
N LYS B 273 -30.14 -5.15 -23.49
CA LYS B 273 -31.15 -5.55 -22.52
C LYS B 273 -32.11 -6.62 -23.17
N GLU B 274 -32.30 -6.57 -24.46
CA GLU B 274 -33.19 -7.58 -25.10
C GLU B 274 -32.57 -8.97 -25.07
N LYS B 275 -31.26 -9.04 -25.01
CA LYS B 275 -30.55 -10.32 -24.79
C LYS B 275 -30.31 -10.70 -23.42
N ASP B 276 -31.06 -10.08 -22.51
CA ASP B 276 -31.05 -10.32 -21.07
C ASP B 276 -29.73 -10.01 -20.42
N VAL B 277 -28.98 -9.08 -21.00
CA VAL B 277 -27.77 -8.63 -20.40
C VAL B 277 -28.17 -7.58 -19.33
N LYS B 278 -27.63 -7.70 -18.13
CA LYS B 278 -27.83 -6.69 -17.09
C LYS B 278 -26.85 -5.62 -17.36
N ILE B 279 -27.27 -4.38 -17.18
CA ILE B 279 -26.42 -3.24 -17.43
C ILE B 279 -26.12 -2.42 -16.16
N HIS B 280 -24.83 -2.25 -15.89
CA HIS B 280 -24.37 -1.30 -14.91
C HIS B 280 -23.82 -0.02 -15.60
N VAL B 281 -24.19 1.14 -15.09
CA VAL B 281 -23.62 2.43 -15.42
C VAL B 281 -22.87 2.96 -14.21
N GLU B 282 -21.62 3.30 -14.46
CA GLU B 282 -20.75 3.94 -13.50
C GLU B 282 -20.77 5.40 -13.85
N PHE B 283 -21.39 6.17 -13.00
CA PHE B 283 -21.54 7.63 -13.18
C PHE B 283 -20.19 8.36 -12.84
N ALA B 284 -20.16 9.61 -13.07
CA ALA B 284 -18.95 10.42 -12.96
C ALA B 284 -19.37 11.82 -12.77
N SER B 285 -18.45 12.64 -12.29
CA SER B 285 -18.70 14.05 -12.16
C SER B 285 -18.88 14.65 -13.57
N VAL B 286 -19.96 15.40 -13.73
CA VAL B 286 -20.31 16.08 -14.96
C VAL B 286 -20.54 17.56 -14.56
N GLN B 287 -19.62 18.42 -14.96
CA GLN B 287 -19.58 19.80 -14.45
C GLN B 287 -20.77 20.57 -15.02
N ASP B 288 -21.04 20.38 -16.30
CA ASP B 288 -22.16 21.06 -16.93
C ASP B 288 -23.52 20.51 -16.49
N ARG B 289 -24.35 21.35 -15.87
CA ARG B 289 -25.59 20.88 -15.27
C ARG B 289 -26.56 20.42 -16.33
N LYS B 290 -26.54 21.08 -17.50
CA LYS B 290 -27.46 20.78 -18.58
C LYS B 290 -27.15 19.36 -19.12
N LEU B 291 -25.88 19.11 -19.41
CA LEU B 291 -25.44 17.79 -19.86
C LEU B 291 -25.68 16.74 -18.78
N ARG B 292 -25.43 17.12 -17.54
CA ARG B 292 -25.58 16.18 -16.44
C ARG B 292 -27.01 15.70 -16.41
N LYS B 293 -27.97 16.62 -16.51
CA LYS B 293 -29.37 16.31 -16.50
C LYS B 293 -29.73 15.41 -17.71
N LYS B 294 -29.21 15.73 -18.89
CA LYS B 294 -29.46 14.89 -20.04
C LYS B 294 -29.01 13.43 -19.86
N ILE B 295 -27.85 13.22 -19.26
CA ILE B 295 -27.36 11.88 -19.00
C ILE B 295 -28.24 11.14 -18.07
N ILE B 296 -28.71 11.85 -17.05
CA ILE B 296 -29.54 11.28 -16.02
C ILE B 296 -30.88 10.87 -16.66
N THR B 297 -31.46 11.76 -17.44
CA THR B 297 -32.77 11.50 -18.06
C THR B 297 -32.71 10.35 -19.06
N ASN B 298 -31.69 10.40 -19.90
CA ASN B 298 -31.57 9.49 -21.03
C ASN B 298 -31.06 8.12 -20.68
N ILE B 299 -30.17 8.01 -19.70
CA ILE B 299 -29.50 6.73 -19.46
C ILE B 299 -30.04 6.01 -18.21
N LEU B 300 -30.06 6.72 -17.08
CA LEU B 300 -30.27 6.03 -15.79
C LEU B 300 -31.50 5.25 -15.62
N PRO B 301 -32.67 5.74 -16.04
CA PRO B 301 -33.87 4.92 -15.83
C PRO B 301 -33.91 3.63 -16.65
N PHE B 302 -33.04 3.54 -17.66
CA PHE B 302 -33.10 2.45 -18.59
C PHE B 302 -32.12 1.34 -18.34
N VAL B 303 -31.22 1.49 -17.33
CA VAL B 303 -30.18 0.49 -17.12
C VAL B 303 -30.56 -0.26 -15.84
N ASP B 304 -29.75 -1.18 -15.34
CA ASP B 304 -30.16 -1.93 -14.15
C ASP B 304 -29.43 -1.47 -12.81
N SER B 305 -28.12 -1.52 -12.83
CA SER B 305 -27.27 -1.15 -11.70
C SER B 305 -26.61 0.20 -12.01
N VAL B 306 -26.55 1.07 -11.02
CA VAL B 306 -25.92 2.37 -11.14
C VAL B 306 -24.92 2.56 -9.98
N GLY B 307 -23.70 2.92 -10.31
CA GLY B 307 -22.66 3.12 -9.29
C GLY B 307 -22.37 4.63 -9.16
N ILE B 308 -22.47 5.18 -7.94
CA ILE B 308 -22.14 6.59 -7.69
C ILE B 308 -21.25 6.78 -6.44
N ASP B 309 -20.60 7.94 -6.35
CA ASP B 309 -20.03 8.40 -5.06
C ASP B 309 -20.84 9.45 -4.38
N GLU B 310 -20.37 9.90 -3.21
CA GLU B 310 -21.13 10.85 -2.43
C GLU B 310 -21.35 12.16 -3.10
N ALA B 311 -20.33 12.67 -3.77
CA ALA B 311 -20.51 13.97 -4.44
C ALA B 311 -21.59 13.83 -5.49
N GLU B 312 -21.64 12.68 -6.16
CA GLU B 312 -22.58 12.44 -7.28
C GLU B 312 -24.01 12.32 -6.82
N ILE B 313 -24.19 11.88 -5.57
CA ILE B 313 -25.49 11.84 -4.98
C ILE B 313 -26.09 13.20 -5.00
N ALA B 314 -25.31 14.20 -4.56
CA ALA B 314 -25.83 15.52 -4.48
C ALA B 314 -25.99 16.13 -5.85
N GLN B 315 -25.03 15.87 -6.68
CA GLN B 315 -25.10 16.37 -8.05
C GLN B 315 -26.34 15.87 -8.81
N ILE B 316 -26.74 14.62 -8.57
CA ILE B 316 -27.92 14.07 -9.19
C ILE B 316 -29.14 14.68 -8.60
N LEU B 317 -29.20 14.72 -7.25
CA LEU B 317 -30.34 15.32 -6.55
C LEU B 317 -30.57 16.72 -6.97
N SER B 318 -29.52 17.49 -7.05
CA SER B 318 -29.63 18.86 -7.50
C SER B 318 -30.42 19.02 -8.82
N VAL B 319 -30.09 18.27 -9.88
CA VAL B 319 -30.83 18.39 -11.13
C VAL B 319 -32.23 17.71 -11.09
N LEU B 320 -32.49 16.82 -10.14
CA LEU B 320 -33.82 16.22 -9.97
C LEU B 320 -34.82 17.13 -9.18
N GLY B 321 -34.39 18.28 -8.77
CA GLY B 321 -35.26 19.14 -8.00
C GLY B 321 -35.06 19.10 -6.51
N TYR B 322 -34.06 18.42 -5.97
CA TYR B 322 -34.07 18.23 -4.55
C TYR B 322 -32.91 19.06 -4.03
N ARG B 323 -32.99 20.37 -4.24
CA ARG B 323 -31.86 21.29 -4.00
C ARG B 323 -31.46 21.31 -2.50
N GLU B 324 -32.46 21.32 -1.67
CA GLU B 324 -32.28 21.36 -0.23
C GLU B 324 -31.58 20.12 0.27
N LEU B 325 -32.02 18.91 -0.12
CA LEU B 325 -31.29 17.72 0.33
C LEU B 325 -29.93 17.67 -0.22
N ALA B 326 -29.78 18.05 -1.49
CA ALA B 326 -28.47 18.00 -2.10
C ALA B 326 -27.46 18.89 -1.33
N ASP B 327 -27.87 20.15 -1.10
CA ASP B 327 -27.03 21.12 -0.32
C ASP B 327 -26.59 20.54 1.03
N ARG B 328 -27.54 19.93 1.73
CA ARG B 328 -27.22 19.23 2.99
C ARG B 328 -26.17 18.15 2.89
N ILE B 329 -26.27 17.32 1.84
CA ILE B 329 -25.35 16.23 1.69
C ILE B 329 -24.02 16.83 1.34
N PHE B 330 -24.03 17.83 0.47
CA PHE B 330 -22.78 18.45 0.08
C PHE B 330 -22.13 19.09 1.34
N THR B 331 -22.94 19.75 2.16
CA THR B 331 -22.42 20.50 3.34
C THR B 331 -22.00 19.63 4.53
N TYR B 332 -22.79 18.61 4.93
CA TYR B 332 -22.45 17.75 6.10
C TYR B 332 -22.11 16.33 5.92
N ASN B 333 -22.32 15.80 4.72
CA ASN B 333 -22.06 14.38 4.48
C ASN B 333 -22.59 13.43 5.56
N ARG B 334 -23.80 13.65 6.06
CA ARG B 334 -24.37 12.67 7.02
C ARG B 334 -24.83 11.34 6.36
N LEU B 335 -24.56 10.22 7.00
CA LEU B 335 -24.96 8.91 6.46
C LEU B 335 -26.46 8.85 6.16
N GLU B 336 -27.26 9.40 7.06
CA GLU B 336 -28.66 9.38 6.94
C GLU B 336 -29.15 10.14 5.69
N ASP B 337 -28.53 11.29 5.43
CA ASP B 337 -28.89 12.09 4.27
C ASP B 337 -28.52 11.35 3.02
N SER B 338 -27.41 10.63 2.98
CA SER B 338 -27.06 9.82 1.83
C SER B 338 -28.01 8.70 1.56
N ILE B 339 -28.48 8.04 2.63
CA ILE B 339 -29.45 7.01 2.47
C ILE B 339 -30.73 7.56 1.90
N LEU B 340 -31.22 8.65 2.47
CA LEU B 340 -32.43 9.19 1.98
C LEU B 340 -32.29 9.67 0.50
N GLY B 341 -31.16 10.25 0.19
CA GLY B 341 -30.81 10.73 -1.12
C GLY B 341 -30.80 9.55 -2.08
N GLY B 342 -30.19 8.47 -1.70
CA GLY B 342 -30.16 7.30 -2.61
C GLY B 342 -31.54 6.71 -2.88
N ILE B 344 -34.28 8.42 -2.82
CA ILE B 344 -34.98 9.28 -3.70
C ILE B 344 -34.50 9.07 -5.12
N ILE B 345 -33.20 8.91 -5.33
CA ILE B 345 -32.66 8.67 -6.66
C ILE B 345 -33.28 7.39 -7.29
N LEU B 346 -33.39 6.33 -6.48
CA LEU B 346 -33.96 5.04 -6.95
C LEU B 346 -35.42 5.18 -7.19
N ASP B 347 -36.11 5.94 -6.34
CA ASP B 347 -37.51 6.14 -6.52
C ASP B 347 -37.84 6.96 -7.78
N GLU B 348 -37.08 7.97 -8.06
CA GLU B 348 -37.38 8.83 -9.14
C GLU B 348 -37.00 8.17 -10.49
N LEU B 349 -35.88 7.43 -10.53
CA LEU B 349 -35.38 7.01 -11.81
C LEU B 349 -35.69 5.53 -12.14
N ASN B 350 -35.86 4.75 -11.09
CA ASN B 350 -36.50 3.45 -11.15
C ASN B 350 -35.74 2.43 -12.03
N PHE B 351 -34.43 2.36 -11.80
CA PHE B 351 -33.56 1.29 -12.26
C PHE B 351 -33.63 0.29 -11.15
N GLU B 352 -32.79 -0.71 -11.17
CA GLU B 352 -32.94 -1.87 -10.29
C GLU B 352 -32.18 -1.76 -9.00
N ILE B 353 -30.96 -1.30 -9.06
CA ILE B 353 -30.13 -1.25 -7.83
C ILE B 353 -29.10 -0.11 -7.88
N LEU B 354 -29.02 0.58 -6.73
CA LEU B 354 -28.03 1.65 -6.61
C LEU B 354 -26.90 1.27 -5.69
N GLN B 355 -25.67 1.61 -6.04
CA GLN B 355 -24.54 1.35 -5.15
C GLN B 355 -23.87 2.68 -4.95
N VAL B 356 -23.56 2.98 -3.69
CA VAL B 356 -22.85 4.20 -3.36
C VAL B 356 -21.52 3.82 -2.70
N HIS B 357 -20.40 4.42 -3.14
CA HIS B 357 -19.14 4.23 -2.45
C HIS B 357 -18.60 5.51 -1.76
N THR B 358 -18.18 5.33 -0.51
CA THR B 358 -17.62 6.46 0.29
C THR B 358 -16.37 6.00 0.98
N THR B 359 -15.68 6.92 1.57
CA THR B 359 -14.40 6.59 2.14
C THR B 359 -14.57 5.41 3.11
N TYR B 360 -15.49 5.57 4.02
CA TYR B 360 -15.62 4.57 5.10
C TYR B 360 -16.70 3.52 5.00
N TYR B 361 -17.64 3.68 4.05
CA TYR B 361 -18.61 2.61 3.88
C TYR B 361 -19.15 2.59 2.44
N LEU B 362 -19.69 1.45 2.06
CA LEU B 362 -20.37 1.21 0.77
C LEU B 362 -21.77 0.87 1.13
N TYR B 364 -25.72 -0.45 -0.77
CA TYR B 364 -26.67 -0.81 -1.82
C TYR B 364 -28.08 -0.37 -1.36
N ILE B 365 -28.86 0.17 -2.30
CA ILE B 365 -30.30 0.31 -2.16
C ILE B 365 -30.98 -0.37 -3.35
N THR B 366 -31.93 -1.23 -3.06
CA THR B 366 -32.69 -2.04 -4.04
C THR B 366 -34.15 -1.98 -3.69
N HIS B 367 -34.97 -2.40 -4.62
CA HIS B 367 -36.39 -2.59 -4.39
C HIS B 367 -36.61 -3.80 -3.47
N ARG B 368 -37.68 -3.71 -2.66
CA ARG B 368 -38.08 -4.85 -1.79
C ARG B 368 -38.08 -6.22 -2.49
N ASP B 369 -38.46 -6.30 -3.76
CA ASP B 369 -38.52 -7.60 -4.47
C ASP B 369 -37.22 -8.07 -5.15
N ASN B 370 -36.10 -7.44 -4.84
CA ASN B 370 -34.85 -7.86 -5.42
C ASN B 370 -34.64 -9.31 -4.90
N PRO B 371 -34.26 -10.26 -5.72
CA PRO B 371 -34.10 -11.65 -5.28
C PRO B 371 -32.97 -11.90 -4.24
N LEU B 372 -31.98 -11.03 -4.18
CA LEU B 372 -30.79 -11.26 -3.34
C LEU B 372 -31.15 -11.03 -1.91
N SER B 373 -30.59 -11.82 -1.01
CA SER B 373 -30.76 -11.53 0.44
C SER B 373 -29.84 -10.35 0.80
N GLU B 374 -30.05 -9.86 2.00
CA GLU B 374 -29.22 -8.88 2.60
C GLU B 374 -27.74 -9.33 2.70
N GLU B 375 -27.54 -10.61 3.00
CA GLU B 375 -26.27 -11.20 3.17
C GLU B 375 -25.59 -11.23 1.79
N GLU B 376 -26.29 -11.67 0.78
CA GLU B 376 -25.74 -11.69 -0.54
C GLU B 376 -25.36 -10.29 -1.04
N LEU B 377 -26.19 -9.30 -0.75
CA LEU B 377 -25.90 -7.92 -1.03
C LEU B 377 -24.60 -7.49 -0.30
N ALA B 378 -24.50 -7.74 1.01
CA ALA B 378 -23.31 -7.46 1.74
C ALA B 378 -22.12 -8.15 1.17
N LYS B 379 -22.23 -9.42 0.79
CA LYS B 379 -21.09 -10.11 0.19
C LYS B 379 -20.63 -9.46 -1.14
N SER B 380 -21.56 -8.91 -1.92
CA SER B 380 -21.21 -8.27 -3.21
C SER B 380 -20.43 -7.05 -2.88
N LEU B 381 -20.89 -6.29 -1.89
CA LEU B 381 -20.17 -5.04 -1.62
C LEU B 381 -18.73 -5.34 -1.06
N GLU B 382 -18.66 -6.40 -0.25
CA GLU B 382 -17.40 -6.82 0.35
C GLU B 382 -16.46 -7.15 -0.76
N PHE B 383 -16.89 -7.92 -1.76
CA PHE B 383 -16.03 -8.23 -2.88
C PHE B 383 -15.53 -6.97 -3.57
N GLY B 384 -16.42 -5.98 -3.74
CA GLY B 384 -15.96 -4.73 -4.30
C GLY B 384 -14.86 -4.04 -3.47
N THR B 385 -15.05 -3.89 -2.15
CA THR B 385 -14.12 -3.06 -1.36
C THR B 385 -12.80 -3.83 -1.26
N THR B 386 -12.88 -5.17 -1.32
CA THR B 386 -11.73 -6.04 -1.22
C THR B 386 -10.91 -5.98 -2.52
N LEU B 387 -11.58 -6.01 -3.68
CA LEU B 387 -10.91 -5.94 -4.94
C LEU B 387 -10.19 -4.61 -5.05
N ALA B 388 -10.86 -3.54 -4.66
CA ALA B 388 -10.29 -2.22 -4.67
C ALA B 388 -9.11 -2.04 -3.72
N ALA B 389 -9.19 -2.61 -2.54
CA ALA B 389 -8.05 -2.64 -1.58
C ALA B 389 -6.83 -3.37 -2.20
N ALA B 390 -7.11 -4.40 -2.98
CA ALA B 390 -6.03 -5.12 -3.59
C ALA B 390 -5.36 -4.30 -4.67
N ARG B 391 -6.15 -3.67 -5.55
CA ARG B 391 -5.69 -2.76 -6.54
C ARG B 391 -5.01 -1.55 -5.94
N ALA B 392 -5.50 -1.03 -4.86
CA ALA B 392 -4.88 0.10 -4.21
C ALA B 392 -3.49 -0.28 -3.59
N SER B 393 -3.32 -1.53 -3.20
CA SER B 393 -2.04 -2.01 -2.64
C SER B 393 -1.01 -2.29 -3.72
N LEU B 394 -1.40 -2.90 -4.82
CA LEU B 394 -0.48 -3.43 -5.79
C LEU B 394 -0.31 -2.45 -6.90
N GLY B 395 -1.27 -1.59 -7.09
CA GLY B 395 -1.32 -0.75 -8.27
C GLY B 395 -1.80 -1.45 -9.54
N ASP B 396 -2.26 -2.70 -9.48
CA ASP B 396 -2.66 -3.45 -10.66
C ASP B 396 -3.30 -4.70 -10.10
N ILE B 397 -4.04 -5.41 -10.92
CA ILE B 397 -4.51 -6.75 -10.60
C ILE B 397 -3.89 -7.56 -11.67
N ARG B 398 -2.91 -8.35 -11.28
CA ARG B 398 -2.13 -9.13 -12.26
C ARG B 398 -2.73 -10.48 -12.50
N GLY B 399 -3.34 -11.05 -11.48
CA GLY B 399 -3.84 -12.38 -11.55
C GLY B 399 -4.85 -12.56 -10.46
N PRO B 400 -5.68 -13.58 -10.57
CA PRO B 400 -6.76 -13.82 -9.63
C PRO B 400 -6.28 -13.95 -8.19
N ASP B 401 -5.11 -14.53 -7.95
CA ASP B 401 -4.66 -14.58 -6.53
C ASP B 401 -4.40 -13.20 -5.95
N ASP B 402 -4.28 -12.16 -6.77
CA ASP B 402 -4.12 -10.79 -6.20
C ASP B 402 -5.28 -10.32 -5.36
N TYR B 403 -6.46 -10.91 -5.56
CA TYR B 403 -7.58 -10.57 -4.71
C TYR B 403 -7.27 -10.80 -3.23
N LYS B 404 -6.42 -11.77 -2.95
CA LYS B 404 -6.25 -12.25 -1.57
C LYS B 404 -5.46 -11.17 -0.86
N VAL B 405 -4.73 -10.34 -1.60
CA VAL B 405 -4.02 -9.22 -1.01
C VAL B 405 -4.98 -8.27 -0.30
N GLY B 406 -6.17 -8.06 -0.92
CA GLY B 406 -7.16 -7.19 -0.33
C GLY B 406 -7.78 -7.80 0.90
N LEU B 407 -7.87 -9.14 0.94
CA LEU B 407 -8.39 -9.84 2.12
C LEU B 407 -7.58 -9.60 3.41
N LYS B 408 -6.35 -9.10 3.24
CA LYS B 408 -5.41 -8.83 4.33
C LYS B 408 -5.52 -7.41 4.76
N VAL B 409 -6.36 -6.64 4.07
CA VAL B 409 -6.57 -5.26 4.49
C VAL B 409 -7.78 -5.35 5.44
N PRO B 410 -7.61 -4.79 6.65
CA PRO B 410 -8.69 -4.84 7.62
C PRO B 410 -9.77 -3.85 7.15
N PHE B 411 -10.98 -4.17 7.56
CA PHE B 411 -12.08 -3.23 7.61
C PHE B 411 -11.65 -2.12 8.49
N ASN B 412 -12.07 -0.91 8.14
CA ASN B 412 -11.47 0.28 8.63
C ASN B 412 -11.79 0.50 10.08
N GLU B 413 -11.11 1.47 10.67
CA GLU B 413 -11.16 1.63 12.15
C GLU B 413 -12.47 2.30 12.63
N ARG B 414 -13.24 2.86 11.68
CA ARG B 414 -14.58 3.34 11.96
C ARG B 414 -15.73 2.28 11.85
N SER B 415 -15.36 1.04 11.60
CA SER B 415 -16.35 0.02 11.26
C SER B 415 -17.49 -0.05 12.26
N GLU B 416 -17.20 0.08 13.56
CA GLU B 416 -18.24 0.01 14.57
C GLU B 416 -19.07 1.22 14.57
N TYR B 417 -18.47 2.34 14.34
CA TYR B 417 -19.20 3.57 14.23
C TYR B 417 -20.18 3.54 13.03
N VAL B 418 -19.76 3.00 11.88
CA VAL B 418 -20.68 2.80 10.75
C VAL B 418 -21.92 1.98 11.10
N LYS B 419 -21.76 0.77 11.63
CA LYS B 419 -22.85 -0.10 12.07
C LYS B 419 -23.80 0.62 13.02
N LEU B 420 -23.23 1.30 13.98
CA LEU B 420 -24.03 2.00 14.94
C LEU B 420 -24.80 3.10 14.27
N ARG B 421 -24.15 3.99 13.48
CA ARG B 421 -24.89 5.02 12.78
C ARG B 421 -25.93 4.41 11.80
N PHE B 422 -25.59 3.29 11.18
CA PHE B 422 -26.57 2.66 10.28
C PHE B 422 -27.83 2.21 11.02
N GLU B 423 -27.63 1.63 12.20
CA GLU B 423 -28.77 1.25 13.07
C GLU B 423 -29.61 2.48 13.44
N GLU B 424 -29.00 3.60 13.78
CA GLU B 424 -29.72 4.82 14.08
C GLU B 424 -30.52 5.27 12.85
N ALA B 425 -29.92 5.17 11.68
CA ALA B 425 -30.53 5.73 10.47
C ALA B 425 -31.79 4.93 10.07
N LYS B 426 -31.73 3.62 10.26
CA LYS B 426 -32.86 2.72 9.98
C LYS B 426 -34.03 3.08 10.86
N SER B 427 -33.69 3.44 12.11
CA SER B 427 -34.67 3.89 13.08
C SER B 427 -35.37 5.14 12.66
N ARG B 428 -34.64 6.04 12.00
CA ARG B 428 -35.17 7.38 11.69
C ARG B 428 -35.83 7.44 10.33
N LEU B 429 -35.39 6.59 9.40
CA LEU B 429 -35.86 6.63 7.99
C LEU B 429 -36.77 5.41 7.59
N ARG B 430 -37.67 5.66 6.63
CA ARG B 430 -38.49 4.61 6.04
C ARG B 430 -37.71 3.58 5.29
N ARG B 432 -39.63 0.84 3.57
CA ARG B 432 -40.82 0.21 3.17
C ARG B 432 -40.57 -0.34 1.76
N GLU B 433 -40.48 0.53 0.79
CA GLU B 433 -40.33 0.12 -0.59
C GLU B 433 -38.90 -0.39 -0.93
N TYR B 434 -37.89 -0.06 -0.07
CA TYR B 434 -36.43 -0.22 -0.41
C TYR B 434 -35.67 -1.14 0.57
N LYS B 435 -34.83 -2.09 0.14
CA LYS B 435 -33.83 -2.73 1.03
C LYS B 435 -32.52 -1.86 1.01
N VAL B 436 -31.95 -1.53 2.19
CA VAL B 436 -30.68 -0.82 2.28
C VAL B 436 -29.62 -1.67 3.04
N VAL B 437 -28.44 -1.81 2.44
CA VAL B 437 -27.33 -2.61 3.03
C VAL B 437 -26.10 -1.72 3.07
N VAL B 438 -25.49 -1.60 4.24
CA VAL B 438 -24.27 -0.80 4.41
C VAL B 438 -23.17 -1.65 5.03
N ILE B 439 -21.95 -1.62 4.48
CA ILE B 439 -20.76 -2.27 5.05
C ILE B 439 -19.68 -1.25 5.14
N PRO B 440 -18.73 -1.48 6.05
CA PRO B 440 -17.51 -0.66 6.09
C PRO B 440 -16.54 -1.04 4.99
N THR B 441 -15.68 -0.12 4.58
CA THR B 441 -14.68 -0.42 3.55
C THR B 441 -13.39 -1.03 4.11
N ARG B 442 -12.65 -1.75 3.25
CA ARG B 442 -11.24 -2.12 3.51
C ARG B 442 -10.41 -0.92 3.08
N LEU B 443 -10.06 -0.09 4.04
CA LEU B 443 -9.35 1.16 3.76
C LEU B 443 -7.86 0.94 3.75
N VAL B 444 -7.27 1.42 2.66
CA VAL B 444 -5.83 1.52 2.47
C VAL B 444 -5.58 3.04 2.46
N GLN B 445 -4.78 3.48 3.40
CA GLN B 445 -4.68 4.92 3.83
C GLN B 445 -3.98 5.90 2.86
N ASN B 446 -2.87 5.47 2.25
CA ASN B 446 -2.43 6.15 1.03
C ASN B 446 -1.75 5.08 0.16
N PRO B 447 -2.57 4.54 -0.75
CA PRO B 447 -2.15 3.43 -1.60
C PRO B 447 -1.17 3.87 -2.70
N VAL B 448 -0.61 2.88 -3.42
CA VAL B 448 0.26 3.19 -4.53
C VAL B 448 -0.53 3.80 -5.67
N LEU B 449 -1.83 3.53 -5.70
CA LEU B 449 -2.70 3.97 -6.79
C LEU B 449 -4.03 4.47 -6.21
N THR B 450 -4.49 5.63 -6.70
CA THR B 450 -5.74 6.24 -6.25
C THR B 450 -6.75 6.45 -7.40
N VAL B 451 -6.29 6.83 -8.58
CA VAL B 451 -7.22 6.98 -9.68
C VAL B 451 -7.94 5.67 -10.00
N GLY B 452 -9.25 5.81 -10.13
CA GLY B 452 -10.13 4.74 -10.47
C GLY B 452 -10.44 3.75 -9.38
N LEU B 453 -10.33 4.08 -8.08
CA LEU B 453 -10.70 3.05 -7.13
C LEU B 453 -12.23 2.81 -7.05
N GLY B 454 -13.04 3.84 -7.14
CA GLY B 454 -14.48 3.71 -7.38
C GLY B 454 -14.84 2.77 -8.52
N ASP B 455 -14.24 2.93 -9.71
CA ASP B 455 -14.52 2.02 -10.80
C ASP B 455 -14.29 0.55 -10.43
N THR B 456 -13.24 0.31 -9.64
CA THR B 456 -12.85 -1.02 -9.29
C THR B 456 -13.80 -1.61 -8.28
N ILE B 457 -14.25 -0.79 -7.31
CA ILE B 457 -15.28 -1.20 -6.31
C ILE B 457 -16.60 -1.60 -7.11
N SER B 458 -16.98 -0.79 -8.08
CA SER B 458 -18.18 -1.10 -8.83
C SER B 458 -18.04 -2.33 -9.71
N ALA B 459 -16.91 -2.54 -10.33
CA ALA B 459 -16.71 -3.71 -11.13
C ALA B 459 -16.88 -4.99 -10.24
N GLY B 460 -16.23 -5.03 -9.12
CA GLY B 460 -16.32 -6.16 -8.23
C GLY B 460 -17.69 -6.44 -7.69
N ALA B 461 -18.36 -5.38 -7.31
CA ALA B 461 -19.69 -5.47 -6.74
C ALA B 461 -20.66 -5.92 -7.82
N PHE B 462 -20.49 -5.37 -9.00
CA PHE B 462 -21.49 -5.70 -10.04
C PHE B 462 -21.23 -7.14 -10.52
N LEU B 463 -19.96 -7.53 -10.56
CA LEU B 463 -19.59 -8.88 -11.02
C LEU B 463 -20.17 -9.93 -10.07
N THR B 464 -20.11 -9.67 -8.79
CA THR B 464 -20.73 -10.63 -7.82
C THR B 464 -22.26 -10.49 -7.70
N TYR B 465 -22.78 -9.29 -7.89
CA TYR B 465 -24.20 -9.11 -8.14
C TYR B 465 -24.68 -10.06 -9.28
N LEU B 466 -24.05 -10.08 -10.45
CA LEU B 466 -24.40 -11.00 -11.54
C LEU B 466 -24.34 -12.45 -11.06
N GLU B 467 -23.24 -12.83 -10.41
CA GLU B 467 -23.08 -14.19 -9.87
C GLU B 467 -24.28 -14.56 -9.03
N PHE B 468 -24.66 -13.72 -8.08
CA PHE B 468 -25.76 -14.11 -7.20
C PHE B 468 -27.13 -14.16 -7.91
N LEU B 469 -27.26 -13.37 -8.98
CA LEU B 469 -28.49 -13.35 -9.70
C LEU B 469 -28.60 -14.65 -10.56
N LYS B 470 -27.54 -14.97 -11.28
CA LYS B 470 -27.39 -16.27 -11.97
C LYS B 470 -27.90 -17.41 -11.06
N ARG B 471 -27.30 -17.49 -9.88
CA ARG B 471 -27.66 -18.51 -8.89
C ARG B 471 -29.11 -18.51 -8.49
N HIS B 472 -29.81 -17.40 -8.69
CA HIS B 472 -31.21 -17.35 -8.28
C HIS B 472 -32.08 -17.71 -9.45
#